data_4JRO
#
_entry.id   4JRO
#
_cell.length_a   64.977
_cell.length_b   93.695
_cell.length_c   89.079
_cell.angle_alpha   90.000
_cell.angle_beta   103.840
_cell.angle_gamma   90.000
#
_symmetry.space_group_name_H-M   'P 1 21 1'
#
loop_
_entity.id
_entity.type
_entity.pdbx_description
1 polymer 'FabG protein'
2 non-polymer 'NADP NICOTINAMIDE-ADENINE-DINUCLEOTIDE PHOSPHATE'
3 water water
#
_entity_poly.entity_id   1
_entity_poly.type   'polypeptide(L)'
_entity_poly.pdbx_seq_one_letter_code
;MHHHHHHSSGVDLGTENLYFQSNAMTLQGKVAVVTGGSRGIGRDIAINLAKEGANIFFNYNGSPEAAEETAKLVAEHGVE
VEAMKANVAIAEDVDAFFKQAIERFGRVDILVNNAGITRDNLLMRMKEDEWDDVININLKGTFLCTKAVSRTMMKQRAGK
IINMASVVGLIGNAGQANYVASKAGVIGLTKTTARELAPRGINVNAVAPGFITTDMTDKLDEKTKEAMLAQIPLGAYGTT
EDIANAVLFLASDASKYITGQTLSVDGGMVM
;
_entity_poly.pdbx_strand_id   A,B,C,D
#
# COMPACT_ATOMS: atom_id res chain seq x y z
N MET A 25 -17.64 5.92 30.35
CA MET A 25 -16.18 6.18 30.41
C MET A 25 -15.36 4.91 30.18
N THR A 26 -14.86 4.80 28.96
CA THR A 26 -14.30 3.57 28.45
C THR A 26 -12.85 3.32 28.84
N LEU A 27 -12.19 4.30 29.47
CA LEU A 27 -10.82 4.13 29.94
C LEU A 27 -10.72 4.36 31.45
N GLN A 28 -11.81 4.11 32.16
CA GLN A 28 -11.83 4.25 33.62
C GLN A 28 -10.66 3.52 34.28
N GLY A 29 -9.87 4.26 35.06
CA GLY A 29 -8.72 3.68 35.77
C GLY A 29 -7.45 3.43 34.96
N LYS A 30 -7.47 3.67 33.66
CA LYS A 30 -6.29 3.44 32.83
C LYS A 30 -5.28 4.59 33.05
N VAL A 31 -4.02 4.31 32.74
CA VAL A 31 -2.96 5.31 32.77
C VAL A 31 -2.43 5.47 31.33
N ALA A 32 -2.53 6.69 30.81
CA ALA A 32 -2.00 7.03 29.50
C ALA A 32 -0.80 7.95 29.62
N VAL A 33 0.27 7.60 28.92
CA VAL A 33 1.41 8.48 28.73
C VAL A 33 1.28 9.07 27.34
N VAL A 34 1.33 10.40 27.26
CA VAL A 34 1.26 11.10 25.99
C VAL A 34 2.54 11.93 25.82
N THR A 35 3.40 11.55 24.88
CA THR A 35 4.57 12.37 24.61
C THR A 35 4.13 13.55 23.76
N GLY A 36 4.71 14.72 24.03
CA GLY A 36 4.31 15.94 23.31
C GLY A 36 2.95 16.44 23.77
N GLY A 37 2.52 16.01 24.95
CA GLY A 37 1.16 16.26 25.41
C GLY A 37 0.88 17.68 25.88
N SER A 38 1.91 18.52 25.91
CA SER A 38 1.77 19.87 26.45
C SER A 38 1.11 20.88 25.51
N ARG A 39 0.99 20.54 24.22
CA ARG A 39 0.40 21.50 23.27
C ARG A 39 -0.20 20.82 22.05
N GLY A 40 -0.96 21.60 21.29
CA GLY A 40 -1.49 21.19 20.00
C GLY A 40 -2.26 19.89 20.05
N ILE A 41 -2.01 19.02 19.09
CA ILE A 41 -2.71 17.76 18.96
C ILE A 41 -2.49 16.88 20.18
N GLY A 42 -1.26 16.86 20.69
CA GLY A 42 -0.92 16.14 21.92
C GLY A 42 -1.79 16.53 23.10
N ARG A 43 -2.01 17.83 23.28
CA ARG A 43 -2.87 18.32 24.36
C ARG A 43 -4.29 17.81 24.16
N ASP A 44 -4.79 17.88 22.94
CA ASP A 44 -6.17 17.46 22.69
C ASP A 44 -6.34 15.94 22.80
N ILE A 45 -5.30 15.17 22.47
CA ILE A 45 -5.31 13.72 22.79
C ILE A 45 -5.41 13.49 24.30
N ALA A 46 -4.56 14.18 25.06
CA ALA A 46 -4.55 14.03 26.53
C ALA A 46 -5.90 14.36 27.18
N ILE A 47 -6.52 15.43 26.69
CA ILE A 47 -7.85 15.84 27.14
C ILE A 47 -8.94 14.85 26.76
N ASN A 48 -8.89 14.34 25.53
CA ASN A 48 -9.87 13.34 25.08
C ASN A 48 -9.75 12.06 25.91
N LEU A 49 -8.52 11.63 26.19
CA LEU A 49 -8.32 10.42 26.98
C LEU A 49 -8.73 10.64 28.45
N ALA A 50 -8.50 11.84 28.96
CA ALA A 50 -8.97 12.22 30.30
C ALA A 50 -10.48 12.20 30.41
N LYS A 51 -11.18 12.66 29.37
CA LYS A 51 -12.64 12.67 29.37
C LYS A 51 -13.24 11.25 29.38
N GLU A 52 -12.44 10.26 28.96
CA GLU A 52 -12.82 8.84 29.05
C GLU A 52 -12.33 8.16 30.33
N GLY A 53 -11.67 8.91 31.21
CA GLY A 53 -11.35 8.45 32.55
C GLY A 53 -9.91 8.05 32.77
N ALA A 54 -9.04 8.30 31.79
CA ALA A 54 -7.63 7.97 31.96
C ALA A 54 -6.89 9.03 32.77
N ASN A 55 -6.05 8.58 33.70
CA ASN A 55 -5.04 9.42 34.31
C ASN A 55 -3.94 9.68 33.27
N ILE A 56 -3.38 10.88 33.30
CA ILE A 56 -2.45 11.30 32.26
C ILE A 56 -1.08 11.67 32.81
N PHE A 57 -0.04 11.11 32.19
CA PHE A 57 1.34 11.50 32.45
C PHE A 57 1.92 12.00 31.11
N PHE A 58 2.50 13.21 31.06
CA PHE A 58 3.06 13.75 29.81
C PHE A 58 4.35 14.53 30.04
N ASN A 59 5.13 14.72 28.99
CA ASN A 59 6.40 15.42 29.08
C ASN A 59 6.31 16.85 28.58
N TYR A 60 7.29 17.66 28.94
CA TYR A 60 7.44 18.97 28.31
C TYR A 60 8.92 19.33 28.23
N ASN A 61 9.21 20.39 27.49
CA ASN A 61 10.55 20.97 27.39
C ASN A 61 10.52 22.49 27.48
N GLY A 62 11.58 23.09 28.02
CA GLY A 62 11.67 24.54 28.09
C GLY A 62 10.79 25.09 29.21
N SER A 63 9.95 26.06 28.88
CA SER A 63 9.09 26.70 29.86
C SER A 63 7.93 25.76 30.24
N PRO A 64 7.52 25.75 31.51
CA PRO A 64 6.40 24.89 31.92
C PRO A 64 5.01 25.48 31.62
N GLU A 65 4.96 26.62 30.95
CA GLU A 65 3.69 27.33 30.76
C GLU A 65 2.63 26.53 29.98
N ALA A 66 2.99 26.02 28.80
CA ALA A 66 2.07 25.19 28.02
C ALA A 66 1.64 23.96 28.82
N ALA A 67 2.61 23.33 29.51
CA ALA A 67 2.34 22.16 30.34
C ALA A 67 1.33 22.46 31.46
N GLU A 68 1.48 23.64 32.08
CA GLU A 68 0.55 24.09 33.13
C GLU A 68 -0.87 24.21 32.62
N GLU A 69 -1.02 24.74 31.41
CA GLU A 69 -2.32 24.87 30.78
C GLU A 69 -2.93 23.49 30.46
N THR A 70 -2.12 22.58 29.92
CA THR A 70 -2.60 21.22 29.65
C THR A 70 -3.08 20.52 30.93
N ALA A 71 -2.28 20.57 31.99
CA ALA A 71 -2.61 19.93 33.26
C ALA A 71 -3.93 20.44 33.84
N LYS A 72 -4.16 21.73 33.67
CA LYS A 72 -5.38 22.41 34.10
C LYS A 72 -6.58 21.88 33.32
N LEU A 73 -6.44 21.78 32.01
CA LEU A 73 -7.55 21.33 31.18
C LEU A 73 -7.87 19.86 31.45
N VAL A 74 -6.84 19.06 31.69
CA VAL A 74 -7.02 17.65 32.00
C VAL A 74 -7.73 17.44 33.35
N ALA A 75 -7.27 18.17 34.36
CA ALA A 75 -7.77 18.01 35.73
C ALA A 75 -9.25 18.39 35.85
N GLU A 76 -9.74 19.26 34.97
CA GLU A 76 -11.18 19.59 34.92
C GLU A 76 -12.07 18.37 34.63
N HIS A 77 -11.50 17.31 34.09
CA HIS A 77 -12.23 16.06 33.88
C HIS A 77 -12.14 15.08 35.04
N GLY A 78 -11.54 15.51 36.15
CA GLY A 78 -11.57 14.75 37.40
C GLY A 78 -10.65 13.56 37.45
N VAL A 79 -9.61 13.56 36.63
CA VAL A 79 -8.61 12.51 36.67
C VAL A 79 -7.35 13.13 37.20
N GLU A 80 -6.40 12.28 37.53
CA GLU A 80 -5.08 12.71 37.99
C GLU A 80 -4.16 12.99 36.81
N VAL A 81 -3.22 13.91 36.97
CA VAL A 81 -2.34 14.32 35.87
C VAL A 81 -0.99 14.81 36.38
N GLU A 82 0.08 14.41 35.72
CA GLU A 82 1.41 14.88 36.07
C GLU A 82 2.20 15.20 34.79
N ALA A 83 2.89 16.35 34.82
CA ALA A 83 3.82 16.75 33.78
C ALA A 83 5.21 16.49 34.27
N MET A 84 6.11 16.09 33.38
CA MET A 84 7.51 15.95 33.74
C MET A 84 8.38 16.46 32.60
N LYS A 85 9.47 17.13 32.95
CA LYS A 85 10.41 17.64 31.95
C LYS A 85 11.19 16.47 31.37
N ALA A 86 11.14 16.28 30.05
CA ALA A 86 11.94 15.24 29.41
C ALA A 86 11.99 15.44 27.90
N ASN A 87 13.18 15.31 27.34
CA ASN A 87 13.39 15.38 25.91
C ASN A 87 13.42 13.94 25.36
N VAL A 88 12.48 13.59 24.48
CA VAL A 88 12.34 12.18 24.04
C VAL A 88 13.53 11.66 23.22
N ALA A 89 14.35 12.55 22.69
CA ALA A 89 15.55 12.13 21.99
C ALA A 89 16.64 11.64 22.91
N ILE A 90 16.53 11.93 24.21
CA ILE A 90 17.62 11.66 25.17
C ILE A 90 17.30 10.43 26.01
N ALA A 91 18.09 9.36 25.85
CA ALA A 91 17.85 8.09 26.53
C ALA A 91 17.65 8.28 28.04
N GLU A 92 18.50 9.10 28.64
CA GLU A 92 18.47 9.33 30.10
C GLU A 92 17.15 9.91 30.55
N ASP A 93 16.73 10.95 29.85
CA ASP A 93 15.43 11.56 30.10
C ASP A 93 14.30 10.57 29.99
N VAL A 94 14.35 9.73 28.95
CA VAL A 94 13.26 8.78 28.71
C VAL A 94 13.20 7.79 29.85
N ASP A 95 14.36 7.23 30.23
CA ASP A 95 14.43 6.28 31.36
C ASP A 95 13.79 6.85 32.60
N ALA A 96 14.17 8.07 32.96
CA ALA A 96 13.68 8.71 34.19
C ALA A 96 12.18 9.04 34.09
N PHE A 97 11.74 9.43 32.89
CA PHE A 97 10.34 9.74 32.64
C PHE A 97 9.43 8.55 32.90
N PHE A 98 9.77 7.40 32.32
CA PHE A 98 8.98 6.20 32.51
C PHE A 98 9.08 5.62 33.92
N LYS A 99 10.23 5.74 34.54
CA LYS A 99 10.35 5.31 35.93
C LYS A 99 9.39 6.11 36.81
N GLN A 100 9.32 7.42 36.58
CA GLN A 100 8.45 8.31 37.38
C GLN A 100 6.97 8.09 37.07
N ALA A 101 6.67 7.74 35.83
CA ALA A 101 5.31 7.35 35.45
C ALA A 101 4.86 6.11 36.23
N ILE A 102 5.75 5.14 36.38
CA ILE A 102 5.45 3.93 37.14
C ILE A 102 5.33 4.30 38.63
N GLU A 103 6.35 4.97 39.17
CA GLU A 103 6.31 5.44 40.57
C GLU A 103 5.00 6.15 40.90
N ARG A 104 4.60 7.09 40.03
CA ARG A 104 3.44 7.92 40.28
C ARG A 104 2.10 7.21 40.11
N PHE A 105 1.98 6.33 39.12
CA PHE A 105 0.67 5.79 38.75
C PHE A 105 0.55 4.26 38.79
N GLY A 106 1.67 3.56 38.94
CA GLY A 106 1.66 2.11 39.09
C GLY A 106 1.89 1.29 37.83
N ARG A 107 1.45 1.80 36.69
CA ARG A 107 1.42 1.02 35.46
C ARG A 107 1.30 1.99 34.29
N VAL A 108 1.53 1.49 33.08
CA VAL A 108 1.23 2.25 31.86
C VAL A 108 0.36 1.38 30.95
N ASP A 109 -0.89 1.79 30.75
CA ASP A 109 -1.85 1.06 29.93
C ASP A 109 -1.83 1.52 28.46
N ILE A 110 -1.54 2.81 28.24
CA ILE A 110 -1.58 3.43 26.92
C ILE A 110 -0.35 4.31 26.77
N LEU A 111 0.38 4.16 25.67
CA LEU A 111 1.43 5.12 25.30
C LEU A 111 1.10 5.74 23.94
N VAL A 112 1.00 7.07 23.90
CA VAL A 112 0.85 7.81 22.65
C VAL A 112 2.14 8.54 22.33
N ASN A 113 2.81 8.09 21.28
CA ASN A 113 4.06 8.69 20.85
C ASN A 113 3.73 9.82 19.89
N ASN A 114 3.55 11.01 20.44
CA ASN A 114 3.10 12.13 19.64
C ASN A 114 4.17 13.22 19.48
N ALA A 115 5.28 13.14 20.23
CA ALA A 115 6.36 14.13 20.16
C ALA A 115 6.90 14.22 18.75
N GLY A 116 7.00 15.44 18.23
CA GLY A 116 7.45 15.61 16.86
C GLY A 116 7.78 17.05 16.53
N ILE A 117 8.66 17.27 15.55
CA ILE A 117 9.08 18.61 15.12
C ILE A 117 9.28 18.58 13.60
N THR A 118 9.39 19.77 13.01
CA THR A 118 9.82 19.90 11.63
C THR A 118 11.00 20.82 11.53
N ARG A 119 11.82 20.59 10.52
CA ARG A 119 12.86 21.50 10.09
C ARG A 119 12.87 21.46 8.55
N ASP A 120 11.94 22.19 7.93
CA ASP A 120 11.68 22.08 6.51
C ASP A 120 12.80 22.74 5.70
N ASN A 121 13.07 22.15 4.54
CA ASN A 121 14.00 22.71 3.55
C ASN A 121 14.06 21.78 2.39
N LEU A 122 14.33 22.33 1.21
CA LEU A 122 14.65 21.50 0.07
C LEU A 122 15.95 20.74 0.34
N LEU A 123 16.04 19.55 -0.23
CA LEU A 123 17.19 18.66 0.00
C LEU A 123 18.49 19.34 -0.25
N MET A 124 18.56 20.06 -1.37
CA MET A 124 19.73 20.84 -1.76
C MET A 124 20.23 21.72 -0.60
N ARG A 125 19.30 22.30 0.15
CA ARG A 125 19.62 23.25 1.24
C ARG A 125 19.51 22.69 2.66
N MET A 126 19.11 21.44 2.83
CA MET A 126 18.84 20.92 4.17
C MET A 126 20.15 20.68 4.90
N LYS A 127 20.29 21.26 6.07
CA LYS A 127 21.51 21.10 6.85
C LYS A 127 21.49 19.81 7.63
N GLU A 128 22.69 19.31 7.92
CA GLU A 128 22.84 18.08 8.69
C GLU A 128 22.14 18.12 10.08
N ASP A 129 22.24 19.22 10.81
CA ASP A 129 21.51 19.35 12.08
C ASP A 129 19.97 19.35 11.93
N GLU A 130 19.47 19.85 10.81
CA GLU A 130 18.04 19.86 10.53
C GLU A 130 17.55 18.46 10.29
N TRP A 131 18.36 17.69 9.57
CA TRP A 131 18.13 16.26 9.41
C TRP A 131 18.14 15.56 10.77
N ASP A 132 19.27 15.65 11.49
CA ASP A 132 19.44 14.91 12.73
C ASP A 132 18.40 15.27 13.81
N ASP A 133 18.10 16.55 13.97
CA ASP A 133 17.17 16.96 15.03
C ASP A 133 15.80 16.32 14.84
N VAL A 134 15.34 16.28 13.58
CA VAL A 134 14.02 15.72 13.27
C VAL A 134 14.01 14.21 13.40
N ILE A 135 15.05 13.56 12.89
CA ILE A 135 15.14 12.12 13.02
C ILE A 135 15.23 11.75 14.49
N ASN A 136 16.01 12.50 15.28
CA ASN A 136 16.20 12.15 16.69
C ASN A 136 14.95 12.30 17.55
N ILE A 137 14.20 13.39 17.37
CA ILE A 137 12.98 13.58 18.13
C ILE A 137 11.86 12.66 17.62
N ASN A 138 11.66 12.66 16.31
CA ASN A 138 10.48 12.01 15.71
C ASN A 138 10.58 10.50 15.64
N LEU A 139 11.75 10.00 15.27
CA LEU A 139 11.94 8.57 15.05
C LEU A 139 12.68 7.93 16.24
N LYS A 140 13.85 8.42 16.57
CA LYS A 140 14.54 7.87 17.74
C LYS A 140 13.72 8.01 19.04
N GLY A 141 13.06 9.14 19.25
CA GLY A 141 12.18 9.32 20.43
C GLY A 141 11.09 8.28 20.55
N THR A 142 10.49 7.94 19.42
CA THR A 142 9.48 6.87 19.39
C THR A 142 10.09 5.50 19.76
N PHE A 143 11.27 5.20 19.22
CA PHE A 143 12.02 4.00 19.60
C PHE A 143 12.30 3.98 21.12
N LEU A 144 12.86 5.05 21.66
CA LEU A 144 13.28 5.02 23.07
C LEU A 144 12.09 4.88 24.00
N CYS A 145 10.99 5.56 23.70
CA CYS A 145 9.80 5.47 24.54
C CYS A 145 9.13 4.09 24.44
N THR A 146 9.11 3.54 23.23
CA THR A 146 8.60 2.20 23.00
C THR A 146 9.41 1.20 23.79
N LYS A 147 10.73 1.33 23.70
CA LYS A 147 11.65 0.46 24.45
C LYS A 147 11.39 0.56 25.96
N ALA A 148 11.26 1.80 26.45
CA ALA A 148 11.02 2.02 27.87
C ALA A 148 9.73 1.41 28.38
N VAL A 149 8.65 1.46 27.59
CA VAL A 149 7.36 0.95 28.05
C VAL A 149 7.20 -0.55 27.84
N SER A 150 8.01 -1.13 26.95
CA SER A 150 7.80 -2.52 26.51
C SER A 150 7.81 -3.56 27.64
N ARG A 151 8.78 -3.52 28.56
CA ARG A 151 8.83 -4.55 29.63
C ARG A 151 7.64 -4.44 30.54
N THR A 152 7.25 -3.22 30.86
CA THR A 152 6.07 -3.01 31.67
C THR A 152 4.83 -3.60 31.02
N MET A 153 4.64 -3.34 29.72
CA MET A 153 3.46 -3.81 29.05
C MET A 153 3.50 -5.32 28.90
N MET A 154 4.66 -5.86 28.55
CA MET A 154 4.85 -7.31 28.47
C MET A 154 4.50 -8.01 29.79
N LYS A 155 4.94 -7.44 30.89
CA LYS A 155 4.61 -7.99 32.21
C LYS A 155 3.12 -7.90 32.51
N GLN A 156 2.51 -6.76 32.18
CA GLN A 156 1.07 -6.59 32.29
C GLN A 156 0.28 -7.53 31.39
N ARG A 157 0.90 -8.04 30.32
CA ARG A 157 0.20 -8.81 29.27
C ARG A 157 -1.00 -8.03 28.70
N ALA A 158 -0.80 -6.71 28.59
CA ALA A 158 -1.84 -5.80 28.14
C ALA A 158 -1.20 -4.44 27.86
N GLY A 159 -1.75 -3.72 26.89
CA GLY A 159 -1.25 -2.40 26.57
C GLY A 159 -1.61 -1.97 25.16
N LYS A 160 -1.63 -0.67 24.96
CA LYS A 160 -1.84 -0.10 23.64
C LYS A 160 -0.77 0.94 23.37
N ILE A 161 -0.14 0.85 22.21
CA ILE A 161 0.75 1.89 21.73
C ILE A 161 0.17 2.51 20.46
N ILE A 162 0.09 3.84 20.45
CA ILE A 162 -0.36 4.58 19.28
C ILE A 162 0.75 5.58 18.89
N ASN A 163 1.26 5.40 17.68
CA ASN A 163 2.34 6.24 17.20
C ASN A 163 1.75 7.24 16.24
N MET A 164 2.17 8.48 16.35
CA MET A 164 1.68 9.54 15.47
C MET A 164 2.63 9.65 14.26
N ALA A 165 2.11 9.34 13.08
CA ALA A 165 2.82 9.49 11.81
C ALA A 165 2.26 10.71 11.05
N SER A 166 2.03 10.60 9.76
CA SER A 166 1.51 11.74 8.95
C SER A 166 1.27 11.19 7.57
N VAL A 167 0.28 11.72 6.85
CA VAL A 167 0.07 11.21 5.50
C VAL A 167 1.26 11.47 4.59
N VAL A 168 2.08 12.48 4.87
CA VAL A 168 3.28 12.68 4.03
C VAL A 168 4.31 11.55 4.23
N GLY A 169 4.23 10.85 5.34
CA GLY A 169 4.96 9.61 5.51
C GLY A 169 4.60 8.53 4.51
N LEU A 170 3.39 8.61 3.97
CA LEU A 170 2.91 7.62 2.98
C LEU A 170 3.26 7.98 1.54
N ILE A 171 3.29 9.26 1.22
CA ILE A 171 3.39 9.71 -0.18
C ILE A 171 4.55 10.64 -0.49
N GLY A 172 5.25 11.10 0.53
CA GLY A 172 6.36 12.02 0.29
C GLY A 172 5.87 13.42 0.17
N ASN A 173 6.79 14.36 0.26
CA ASN A 173 6.45 15.77 0.21
C ASN A 173 7.68 16.64 0.02
N ALA A 174 7.72 17.38 -1.07
CA ALA A 174 8.85 18.29 -1.35
C ALA A 174 9.13 19.21 -0.17
N GLY A 175 10.40 19.40 0.17
CA GLY A 175 10.79 20.28 1.26
C GLY A 175 10.74 19.67 2.63
N GLN A 176 10.40 18.39 2.71
CA GLN A 176 10.24 17.71 3.98
C GLN A 176 10.93 16.36 4.09
N ALA A 177 12.09 16.22 3.45
CA ALA A 177 12.75 14.90 3.35
C ALA A 177 13.01 14.29 4.72
N ASN A 178 13.44 15.13 5.66
CA ASN A 178 13.67 14.70 7.03
C ASN A 178 12.39 14.27 7.77
N TYR A 179 11.37 15.12 7.72
CA TYR A 179 10.08 14.80 8.32
C TYR A 179 9.46 13.54 7.72
N VAL A 180 9.50 13.44 6.39
CA VAL A 180 8.93 12.28 5.69
C VAL A 180 9.66 11.00 6.10
N ALA A 181 10.99 11.04 6.07
CA ALA A 181 11.79 9.88 6.42
C ALA A 181 11.48 9.43 7.85
N SER A 182 11.34 10.40 8.76
CA SER A 182 11.05 10.11 10.15
C SER A 182 9.67 9.48 10.33
N LYS A 183 8.66 9.96 9.62
CA LYS A 183 7.32 9.42 9.79
C LYS A 183 7.11 8.10 9.03
N ALA A 184 7.74 7.97 7.88
CA ALA A 184 7.78 6.68 7.20
C ALA A 184 8.51 5.66 8.07
N GLY A 185 9.60 6.09 8.70
CA GLY A 185 10.33 5.25 9.61
C GLY A 185 9.44 4.84 10.78
N VAL A 186 8.66 5.79 11.32
CA VAL A 186 7.76 5.50 12.42
C VAL A 186 6.70 4.44 12.05
N ILE A 187 6.22 4.50 10.82
CA ILE A 187 5.28 3.49 10.34
C ILE A 187 5.95 2.11 10.30
N GLY A 188 7.16 1.99 9.78
CA GLY A 188 7.87 0.72 9.85
C GLY A 188 8.13 0.21 11.27
N LEU A 189 8.57 1.11 12.14
CA LEU A 189 8.82 0.78 13.53
C LEU A 189 7.55 0.28 14.23
N THR A 190 6.41 0.86 13.87
CA THR A 190 5.10 0.45 14.39
C THR A 190 4.86 -1.03 14.08
N LYS A 191 5.25 -1.45 12.89
CA LYS A 191 5.01 -2.84 12.44
C LYS A 191 5.93 -3.82 13.18
N THR A 192 7.22 -3.49 13.27
CA THR A 192 8.14 -4.30 14.08
C THR A 192 7.65 -4.44 15.53
N THR A 193 7.27 -3.33 16.12
CA THR A 193 6.83 -3.30 17.51
C THR A 193 5.60 -4.19 17.69
N ALA A 194 4.64 -4.04 16.78
CA ALA A 194 3.44 -4.84 16.82
C ALA A 194 3.78 -6.32 16.77
N ARG A 195 4.75 -6.69 15.94
CA ARG A 195 5.18 -8.08 15.82
C ARG A 195 5.81 -8.61 17.09
N GLU A 196 6.64 -7.79 17.73
CA GLU A 196 7.38 -8.23 18.90
C GLU A 196 6.51 -8.30 20.13
N LEU A 197 5.46 -7.48 20.19
CA LEU A 197 4.62 -7.39 21.38
C LEU A 197 3.27 -8.09 21.22
N ALA A 198 2.91 -8.50 20.01
CA ALA A 198 1.66 -9.22 19.79
C ALA A 198 1.51 -10.46 20.69
N PRO A 199 2.61 -11.21 20.96
CA PRO A 199 2.39 -12.44 21.75
C PRO A 199 2.05 -12.20 23.22
N ARG A 200 2.22 -10.97 23.72
CA ARG A 200 1.77 -10.63 25.05
C ARG A 200 0.48 -9.81 25.03
N GLY A 201 -0.24 -9.83 23.90
CA GLY A 201 -1.53 -9.15 23.79
C GLY A 201 -1.51 -7.63 23.74
N ILE A 202 -0.40 -7.04 23.26
CA ILE A 202 -0.25 -5.58 23.14
C ILE A 202 -0.56 -5.14 21.73
N ASN A 203 -1.43 -4.16 21.55
CA ASN A 203 -1.76 -3.61 20.25
C ASN A 203 -0.90 -2.41 19.95
N VAL A 204 -0.38 -2.34 18.71
CA VAL A 204 0.50 -1.24 18.31
C VAL A 204 0.06 -0.76 16.93
N ASN A 205 -0.40 0.48 16.88
CA ASN A 205 -0.90 1.06 15.66
C ASN A 205 -0.41 2.49 15.48
N ALA A 206 -0.59 3.02 14.28
CA ALA A 206 -0.23 4.42 13.99
C ALA A 206 -1.42 5.20 13.46
N VAL A 207 -1.47 6.49 13.77
CA VAL A 207 -2.42 7.42 13.20
C VAL A 207 -1.66 8.39 12.27
N ALA A 208 -2.18 8.57 11.05
CA ALA A 208 -1.59 9.46 10.03
C ALA A 208 -2.54 10.61 9.71
N PRO A 209 -2.40 11.73 10.45
CA PRO A 209 -3.21 12.91 10.15
C PRO A 209 -2.91 13.56 8.80
N GLY A 210 -3.93 14.18 8.21
CA GLY A 210 -3.78 14.99 7.02
C GLY A 210 -3.60 16.45 7.43
N PHE A 211 -4.35 17.34 6.79
CA PHE A 211 -4.29 18.77 7.10
C PHE A 211 -5.31 19.08 8.19
N ILE A 212 -4.82 19.47 9.37
CA ILE A 212 -5.65 19.73 10.53
C ILE A 212 -5.63 21.22 10.87
N THR A 213 -6.80 21.78 11.15
CA THR A 213 -6.94 23.18 11.50
C THR A 213 -6.11 23.57 12.73
N THR A 214 -5.44 24.71 12.65
CA THR A 214 -4.79 25.32 13.81
C THR A 214 -5.37 26.73 13.93
N ASP A 215 -5.00 27.47 14.98
CA ASP A 215 -5.58 28.82 15.10
C ASP A 215 -4.97 29.85 14.10
N MET A 216 -3.99 29.44 13.30
CA MET A 216 -3.49 30.25 12.19
C MET A 216 -4.19 29.96 10.86
N THR A 217 -4.86 28.82 10.75
CA THR A 217 -5.44 28.38 9.47
C THR A 217 -6.34 29.43 8.82
N ASP A 218 -7.20 30.01 9.62
CA ASP A 218 -8.15 31.04 9.20
C ASP A 218 -7.46 32.29 8.60
N LYS A 219 -6.24 32.57 9.07
CA LYS A 219 -5.42 33.70 8.62
C LYS A 219 -4.75 33.51 7.26
N LEU A 220 -4.72 32.28 6.74
CA LEU A 220 -4.02 32.03 5.48
C LEU A 220 -4.71 32.74 4.33
N ASP A 221 -3.95 33.07 3.29
CA ASP A 221 -4.50 33.65 2.05
C ASP A 221 -5.48 32.67 1.41
N GLU A 222 -6.47 33.20 0.70
CA GLU A 222 -7.51 32.35 0.12
C GLU A 222 -6.93 31.40 -0.92
N LYS A 223 -5.98 31.90 -1.69
CA LYS A 223 -5.25 31.09 -2.65
C LYS A 223 -4.55 29.90 -1.98
N THR A 224 -3.96 30.15 -0.81
CA THR A 224 -3.27 29.10 -0.08
C THR A 224 -4.29 28.04 0.40
N LYS A 225 -5.40 28.49 0.97
CA LYS A 225 -6.41 27.58 1.48
C LYS A 225 -7.01 26.75 0.34
N GLU A 226 -7.26 27.38 -0.79
CA GLU A 226 -7.86 26.68 -1.94
C GLU A 226 -6.97 25.60 -2.53
N ALA A 227 -5.67 25.89 -2.62
CA ALA A 227 -4.71 24.88 -3.07
C ALA A 227 -4.62 23.67 -2.11
N MET A 228 -4.70 23.91 -0.81
CA MET A 228 -4.73 22.80 0.16
C MET A 228 -6.05 22.02 0.08
N LEU A 229 -7.18 22.72 0.11
CA LEU A 229 -8.49 22.06 0.09
C LEU A 229 -8.75 21.28 -1.23
N ALA A 230 -8.16 21.74 -2.33
CA ALA A 230 -8.24 21.00 -3.59
C ALA A 230 -7.67 19.59 -3.46
N GLN A 231 -6.76 19.36 -2.51
CA GLN A 231 -6.16 18.04 -2.36
C GLN A 231 -7.00 17.10 -1.46
N ILE A 232 -8.07 17.63 -0.87
CA ILE A 232 -8.89 16.92 0.12
C ILE A 232 -10.30 16.67 -0.41
N PRO A 233 -10.67 15.40 -0.68
CA PRO A 233 -12.04 15.08 -1.12
C PRO A 233 -13.16 15.64 -0.22
N LEU A 234 -13.03 15.53 1.10
CA LEU A 234 -14.05 16.08 1.99
C LEU A 234 -14.14 17.62 1.92
N GLY A 235 -13.11 18.27 1.38
CA GLY A 235 -13.20 19.69 1.07
C GLY A 235 -13.07 20.62 2.26
N ALA A 236 -12.40 20.17 3.32
CA ALA A 236 -12.23 20.97 4.52
C ALA A 236 -11.05 20.41 5.29
N TYR A 237 -10.39 21.26 6.08
CA TYR A 237 -9.38 20.80 7.03
C TYR A 237 -10.07 19.98 8.12
N GLY A 238 -9.32 19.08 8.75
CA GLY A 238 -9.83 18.32 9.88
C GLY A 238 -9.66 19.07 11.20
N THR A 239 -10.14 18.47 12.27
CA THR A 239 -9.99 19.01 13.60
C THR A 239 -9.06 18.14 14.46
N THR A 240 -8.53 18.74 15.52
CA THR A 240 -7.72 18.00 16.46
C THR A 240 -8.57 16.91 17.14
N GLU A 241 -9.87 17.15 17.31
CA GLU A 241 -10.77 16.13 17.84
C GLU A 241 -10.88 14.89 16.95
N ASP A 242 -10.84 15.09 15.63
CA ASP A 242 -10.80 13.96 14.67
C ASP A 242 -9.58 13.09 14.97
N ILE A 243 -8.43 13.70 15.15
CA ILE A 243 -7.22 12.94 15.47
C ILE A 243 -7.35 12.27 16.85
N ALA A 244 -7.78 13.02 17.85
CA ALA A 244 -7.97 12.46 19.19
C ALA A 244 -8.93 11.28 19.19
N ASN A 245 -10.01 11.38 18.40
CA ASN A 245 -10.97 10.27 18.27
C ASN A 245 -10.38 8.99 17.67
N ALA A 246 -9.45 9.11 16.73
CA ALA A 246 -8.81 7.93 16.16
C ALA A 246 -7.88 7.28 17.18
N VAL A 247 -7.16 8.12 17.95
CA VAL A 247 -6.27 7.61 18.98
C VAL A 247 -7.11 6.84 20.02
N LEU A 248 -8.22 7.44 20.41
CA LEU A 248 -9.08 6.84 21.42
C LEU A 248 -9.56 5.48 20.96
N PHE A 249 -10.06 5.40 19.73
CA PHE A 249 -10.44 4.11 19.13
C PHE A 249 -9.31 3.09 19.25
N LEU A 250 -8.11 3.47 18.85
CA LEU A 250 -6.97 2.56 18.87
C LEU A 250 -6.43 2.26 20.26
N ALA A 251 -6.83 3.05 21.27
CA ALA A 251 -6.44 2.82 22.66
C ALA A 251 -7.50 2.04 23.44
N SER A 252 -8.60 1.66 22.79
CA SER A 252 -9.75 1.08 23.48
C SER A 252 -9.96 -0.39 23.10
N ASP A 253 -10.83 -1.06 23.85
CA ASP A 253 -11.22 -2.45 23.57
C ASP A 253 -11.87 -2.63 22.20
N ALA A 254 -12.46 -1.55 21.66
CA ALA A 254 -13.13 -1.58 20.37
C ALA A 254 -12.21 -1.94 19.20
N SER A 255 -10.89 -1.84 19.42
CA SER A 255 -9.91 -2.12 18.37
C SER A 255 -8.96 -3.23 18.78
N LYS A 256 -9.39 -4.10 19.70
CA LYS A 256 -8.46 -5.10 20.27
C LYS A 256 -7.93 -6.14 19.27
N TYR A 257 -8.59 -6.31 18.13
CA TYR A 257 -8.06 -7.24 17.10
C TYR A 257 -7.29 -6.49 16.00
N ILE A 258 -7.03 -5.20 16.20
CA ILE A 258 -6.33 -4.39 15.21
C ILE A 258 -4.93 -4.14 15.69
N THR A 259 -3.94 -4.56 14.91
CA THR A 259 -2.58 -4.24 15.25
C THR A 259 -1.69 -4.16 14.02
N GLY A 260 -0.64 -3.36 14.14
CA GLY A 260 0.32 -3.13 13.04
C GLY A 260 -0.25 -2.25 11.94
N GLN A 261 -1.35 -1.56 12.19
CA GLN A 261 -1.98 -0.72 11.16
C GLN A 261 -1.68 0.78 11.29
N THR A 262 -1.72 1.46 10.14
CA THR A 262 -1.72 2.93 10.11
C THR A 262 -3.14 3.40 9.72
N LEU A 263 -3.73 4.26 10.52
CA LEU A 263 -5.05 4.79 10.19
C LEU A 263 -4.93 6.24 9.73
N SER A 264 -5.26 6.48 8.46
CA SER A 264 -5.15 7.81 7.88
C SER A 264 -6.41 8.59 8.18
N VAL A 265 -6.23 9.75 8.80
CA VAL A 265 -7.33 10.65 9.12
C VAL A 265 -7.08 11.95 8.37
N ASP A 266 -7.51 11.98 7.11
CA ASP A 266 -7.05 13.00 6.15
C ASP A 266 -8.09 13.46 5.16
N GLY A 267 -9.37 13.18 5.40
CA GLY A 267 -10.43 13.62 4.51
C GLY A 267 -10.36 13.01 3.12
N GLY A 268 -9.59 11.93 2.97
CA GLY A 268 -9.45 11.21 1.69
C GLY A 268 -8.25 11.64 0.84
N MET A 269 -7.35 12.42 1.43
CA MET A 269 -6.15 12.90 0.71
C MET A 269 -5.30 11.77 0.14
N VAL A 270 -5.12 10.71 0.93
CA VAL A 270 -4.45 9.52 0.48
C VAL A 270 -5.37 8.31 0.60
N MET A 271 -5.64 7.67 -0.53
CA MET A 271 -6.41 6.43 -0.59
C MET A 271 -5.54 5.34 -1.21
N MET B 25 24.63 -2.05 -25.43
CA MET B 25 25.34 -1.30 -24.34
C MET B 25 24.57 -0.06 -23.94
N THR B 26 23.55 -0.30 -23.13
CA THR B 26 22.54 0.65 -22.78
C THR B 26 23.06 1.89 -22.06
N LEU B 27 24.19 1.75 -21.36
CA LEU B 27 24.73 2.82 -20.54
C LEU B 27 26.09 3.32 -21.00
N GLN B 28 26.43 3.16 -22.28
CA GLN B 28 27.76 3.55 -22.75
C GLN B 28 27.98 5.04 -22.48
N GLY B 29 29.12 5.36 -21.88
CA GLY B 29 29.48 6.73 -21.57
C GLY B 29 28.92 7.28 -20.27
N LYS B 30 28.08 6.51 -19.56
CA LYS B 30 27.49 7.00 -18.31
C LYS B 30 28.46 6.76 -17.15
N VAL B 31 28.30 7.56 -16.09
CA VAL B 31 29.11 7.47 -14.89
C VAL B 31 28.19 7.08 -13.75
N ALA B 32 28.44 5.92 -13.16
CA ALA B 32 27.67 5.40 -12.06
C ALA B 32 28.46 5.44 -10.77
N VAL B 33 27.85 6.01 -9.73
CA VAL B 33 28.43 5.99 -8.39
C VAL B 33 27.65 4.94 -7.60
N VAL B 34 28.35 4.00 -6.97
CA VAL B 34 27.72 2.93 -6.17
C VAL B 34 28.28 2.96 -4.78
N THR B 35 27.41 3.14 -3.79
CA THR B 35 27.86 3.04 -2.42
C THR B 35 27.76 1.59 -1.95
N GLY B 36 28.66 1.18 -1.07
CA GLY B 36 28.74 -0.22 -0.63
C GLY B 36 29.13 -1.18 -1.72
N GLY B 37 30.12 -0.81 -2.54
CA GLY B 37 30.42 -1.57 -3.74
C GLY B 37 31.47 -2.66 -3.57
N SER B 38 32.04 -2.75 -2.38
CA SER B 38 33.16 -3.66 -2.17
C SER B 38 32.79 -5.14 -2.10
N ARG B 39 31.55 -5.44 -1.70
CA ARG B 39 31.13 -6.83 -1.48
C ARG B 39 29.68 -7.02 -1.88
N GLY B 40 29.26 -8.28 -1.97
CA GLY B 40 27.83 -8.64 -1.99
C GLY B 40 27.03 -8.00 -3.09
N ILE B 41 25.83 -7.54 -2.74
CA ILE B 41 24.93 -6.95 -3.73
C ILE B 41 25.58 -5.75 -4.44
N GLY B 42 26.29 -4.89 -3.71
CA GLY B 42 26.84 -3.68 -4.33
C GLY B 42 27.92 -4.01 -5.37
N ARG B 43 28.72 -5.05 -5.10
CA ARG B 43 29.73 -5.51 -6.05
C ARG B 43 29.08 -5.91 -7.35
N ASP B 44 28.00 -6.65 -7.27
CA ASP B 44 27.34 -7.13 -8.49
C ASP B 44 26.55 -6.08 -9.24
N ILE B 45 26.06 -5.07 -8.52
CA ILE B 45 25.46 -3.91 -9.16
C ILE B 45 26.53 -3.20 -10.00
N ALA B 46 27.67 -2.92 -9.38
CA ALA B 46 28.78 -2.27 -10.08
C ALA B 46 29.19 -3.01 -11.37
N ILE B 47 29.33 -4.33 -11.25
CA ILE B 47 29.69 -5.19 -12.39
C ILE B 47 28.64 -5.14 -13.49
N ASN B 48 27.38 -5.24 -13.11
CA ASN B 48 26.28 -5.21 -14.08
C ASN B 48 26.17 -3.87 -14.83
N LEU B 49 26.34 -2.77 -14.11
CA LEU B 49 26.37 -1.46 -14.74
C LEU B 49 27.57 -1.32 -15.70
N ALA B 50 28.73 -1.81 -15.28
CA ALA B 50 29.92 -1.83 -16.15
C ALA B 50 29.68 -2.65 -17.42
N LYS B 51 29.07 -3.81 -17.24
CA LYS B 51 28.69 -4.69 -18.34
C LYS B 51 27.89 -3.93 -19.41
N GLU B 52 27.10 -2.93 -18.99
CA GLU B 52 26.34 -2.09 -19.90
C GLU B 52 27.08 -0.83 -20.35
N GLY B 53 28.33 -0.70 -19.94
CA GLY B 53 29.22 0.32 -20.46
C GLY B 53 29.46 1.52 -19.57
N ALA B 54 28.97 1.48 -18.32
CA ALA B 54 29.15 2.60 -17.42
C ALA B 54 30.51 2.56 -16.73
N ASN B 55 31.17 3.70 -16.65
CA ASN B 55 32.31 3.87 -15.74
C ASN B 55 31.80 3.86 -14.30
N ILE B 56 32.60 3.30 -13.40
CA ILE B 56 32.15 3.07 -12.04
C ILE B 56 33.04 3.78 -11.00
N PHE B 57 32.40 4.50 -10.11
CA PHE B 57 33.06 5.11 -8.98
C PHE B 57 32.37 4.56 -7.73
N PHE B 58 33.06 3.80 -6.91
CA PHE B 58 32.41 3.20 -5.75
C PHE B 58 33.22 3.36 -4.48
N ASN B 59 32.55 3.25 -3.33
CA ASN B 59 33.23 3.35 -2.06
C ASN B 59 33.40 2.01 -1.37
N TYR B 60 34.34 2.00 -0.44
CA TYR B 60 34.46 0.97 0.56
C TYR B 60 34.66 1.73 1.87
N ASN B 61 34.48 1.03 2.97
CA ASN B 61 34.72 1.63 4.26
C ASN B 61 35.73 0.79 5.03
N GLY B 62 35.36 -0.45 5.35
CA GLY B 62 36.24 -1.35 6.11
C GLY B 62 36.96 -2.44 5.31
N SER B 63 36.72 -2.53 4.00
CA SER B 63 37.20 -3.68 3.19
C SER B 63 37.99 -3.30 1.91
N PRO B 64 39.17 -2.67 2.06
CA PRO B 64 39.92 -2.30 0.82
C PRO B 64 40.32 -3.47 -0.10
N GLU B 65 40.57 -4.63 0.51
CA GLU B 65 40.96 -5.83 -0.23
C GLU B 65 39.78 -6.34 -1.08
N ALA B 66 38.58 -6.32 -0.50
CA ALA B 66 37.37 -6.64 -1.25
C ALA B 66 37.12 -5.61 -2.33
N ALA B 67 37.39 -4.34 -2.03
CA ALA B 67 37.23 -3.29 -3.05
C ALA B 67 38.14 -3.51 -4.26
N GLU B 68 39.38 -3.94 -4.03
CA GLU B 68 40.28 -4.24 -5.15
C GLU B 68 39.72 -5.37 -6.02
N GLU B 69 39.12 -6.37 -5.39
CA GLU B 69 38.53 -7.47 -6.15
C GLU B 69 37.34 -6.96 -6.99
N THR B 70 36.49 -6.11 -6.43
CA THR B 70 35.40 -5.52 -7.19
C THR B 70 35.96 -4.77 -8.42
N ALA B 71 36.97 -3.96 -8.19
CA ALA B 71 37.54 -3.14 -9.26
C ALA B 71 38.10 -3.99 -10.39
N LYS B 72 38.75 -5.10 -10.06
CA LYS B 72 39.25 -6.02 -11.10
C LYS B 72 38.12 -6.61 -11.93
N LEU B 73 37.05 -6.99 -11.26
CA LEU B 73 35.90 -7.59 -11.93
C LEU B 73 35.18 -6.59 -12.83
N VAL B 74 35.07 -5.33 -12.40
CA VAL B 74 34.51 -4.26 -13.23
C VAL B 74 35.38 -3.98 -14.45
N ALA B 75 36.69 -3.90 -14.23
CA ALA B 75 37.65 -3.59 -15.32
C ALA B 75 37.65 -4.60 -16.48
N GLU B 76 37.15 -5.82 -16.24
CA GLU B 76 36.96 -6.83 -17.29
C GLU B 76 36.12 -6.33 -18.45
N HIS B 77 35.21 -5.40 -18.17
CA HIS B 77 34.27 -4.94 -19.18
C HIS B 77 34.71 -3.70 -19.95
N GLY B 78 35.99 -3.34 -19.83
CA GLY B 78 36.59 -2.29 -20.65
C GLY B 78 36.35 -0.86 -20.21
N VAL B 79 35.59 -0.70 -19.12
CA VAL B 79 35.23 0.62 -18.61
C VAL B 79 36.29 1.05 -17.61
N GLU B 80 36.27 2.32 -17.23
CA GLU B 80 37.18 2.81 -16.17
C GLU B 80 36.49 2.72 -14.83
N VAL B 81 37.27 2.46 -13.79
CA VAL B 81 36.72 2.28 -12.44
C VAL B 81 37.68 2.84 -11.42
N GLU B 82 37.13 3.44 -10.35
CA GLU B 82 37.93 3.92 -9.21
C GLU B 82 37.19 3.62 -7.92
N ALA B 83 37.94 3.18 -6.91
CA ALA B 83 37.41 2.93 -5.58
C ALA B 83 37.94 4.03 -4.64
N MET B 84 37.14 4.43 -3.67
CA MET B 84 37.58 5.42 -2.72
C MET B 84 36.97 5.15 -1.35
N LYS B 85 37.79 5.32 -0.32
CA LYS B 85 37.33 5.11 1.04
C LYS B 85 36.38 6.23 1.47
N ALA B 86 35.25 5.86 2.08
CA ALA B 86 34.30 6.84 2.60
C ALA B 86 33.24 6.17 3.48
N ASN B 87 33.00 6.76 4.63
CA ASN B 87 31.94 6.35 5.55
C ASN B 87 30.75 7.23 5.20
N VAL B 88 29.67 6.63 4.69
CA VAL B 88 28.53 7.42 4.20
C VAL B 88 27.77 8.16 5.32
N ALA B 89 27.99 7.75 6.56
CA ALA B 89 27.38 8.43 7.70
C ALA B 89 28.11 9.73 8.08
N ILE B 90 29.27 9.99 7.46
CA ILE B 90 30.08 11.17 7.79
C ILE B 90 30.01 12.18 6.65
N ALA B 91 29.43 13.35 6.96
CA ALA B 91 29.22 14.39 5.97
C ALA B 91 30.50 14.80 5.24
N GLU B 92 31.61 14.95 5.96
CA GLU B 92 32.90 15.30 5.33
C GLU B 92 33.37 14.24 4.34
N ASP B 93 33.19 12.96 4.67
CA ASP B 93 33.56 11.84 3.78
C ASP B 93 32.74 11.85 2.49
N VAL B 94 31.44 12.09 2.64
CA VAL B 94 30.53 12.10 1.52
C VAL B 94 30.90 13.23 0.58
N ASP B 95 31.13 14.44 1.11
CA ASP B 95 31.51 15.59 0.29
C ASP B 95 32.77 15.32 -0.51
N ALA B 96 33.78 14.74 0.12
CA ALA B 96 35.03 14.44 -0.55
C ALA B 96 34.85 13.37 -1.62
N PHE B 97 34.02 12.36 -1.31
CA PHE B 97 33.74 11.26 -2.24
C PHE B 97 33.14 11.77 -3.52
N PHE B 98 32.09 12.57 -3.41
CA PHE B 98 31.46 13.15 -4.58
C PHE B 98 32.32 14.16 -5.30
N LYS B 99 33.08 14.94 -4.56
CA LYS B 99 34.03 15.85 -5.17
C LYS B 99 35.03 15.08 -6.07
N GLN B 100 35.56 13.97 -5.58
CA GLN B 100 36.53 13.16 -6.33
C GLN B 100 35.86 12.47 -7.52
N ALA B 101 34.63 12.00 -7.33
CA ALA B 101 33.90 11.39 -8.44
C ALA B 101 33.83 12.34 -9.64
N ILE B 102 33.50 13.61 -9.36
CA ILE B 102 33.34 14.62 -10.39
C ILE B 102 34.70 15.00 -10.99
N GLU B 103 35.70 15.15 -10.13
CA GLU B 103 37.08 15.37 -10.60
C GLU B 103 37.51 14.27 -11.57
N ARG B 104 37.20 13.03 -11.22
CA ARG B 104 37.69 11.89 -11.98
C ARG B 104 36.91 11.69 -13.27
N PHE B 105 35.59 11.79 -13.21
CA PHE B 105 34.76 11.40 -14.34
C PHE B 105 33.94 12.52 -14.96
N GLY B 106 33.92 13.70 -14.35
CA GLY B 106 33.29 14.87 -14.97
C GLY B 106 31.82 15.11 -14.67
N ARG B 107 31.09 14.05 -14.33
CA ARG B 107 29.67 14.11 -14.09
C ARG B 107 29.27 12.83 -13.33
N VAL B 108 28.04 12.80 -12.84
CA VAL B 108 27.46 11.58 -12.28
C VAL B 108 26.08 11.43 -12.87
N ASP B 109 25.88 10.34 -13.61
CA ASP B 109 24.64 10.04 -14.27
C ASP B 109 23.71 9.16 -13.41
N ILE B 110 24.31 8.32 -12.57
CA ILE B 110 23.58 7.30 -11.79
C ILE B 110 24.18 7.26 -10.40
N LEU B 111 23.32 7.25 -9.37
CA LEU B 111 23.74 7.00 -8.00
C LEU B 111 22.93 5.83 -7.46
N VAL B 112 23.63 4.81 -6.97
CA VAL B 112 23.00 3.70 -6.26
C VAL B 112 23.41 3.78 -4.83
N ASN B 113 22.46 4.07 -3.95
CA ASN B 113 22.68 4.08 -2.52
C ASN B 113 22.45 2.69 -1.95
N ASN B 114 23.52 1.90 -1.88
CA ASN B 114 23.46 0.51 -1.47
C ASN B 114 24.11 0.21 -0.11
N ALA B 115 25.00 1.07 0.38
CA ALA B 115 25.63 0.82 1.67
C ALA B 115 24.59 0.64 2.77
N GLY B 116 24.79 -0.36 3.62
CA GLY B 116 23.87 -0.62 4.71
C GLY B 116 24.42 -1.68 5.64
N ILE B 117 23.95 -1.68 6.88
CA ILE B 117 24.35 -2.65 7.89
C ILE B 117 23.11 -3.09 8.64
N THR B 118 23.25 -4.19 9.36
CA THR B 118 22.28 -4.63 10.36
C THR B 118 22.96 -4.74 11.72
N ARG B 119 22.18 -4.55 12.78
CA ARG B 119 22.60 -4.78 14.15
C ARG B 119 21.33 -5.24 14.88
N ASP B 120 20.98 -6.51 14.70
CA ASP B 120 19.71 -7.02 15.20
C ASP B 120 19.66 -7.14 16.72
N ASN B 121 18.45 -7.00 17.27
CA ASN B 121 18.15 -7.29 18.66
C ASN B 121 16.67 -7.07 18.89
N LEU B 122 16.11 -7.79 19.85
CA LEU B 122 14.74 -7.46 20.30
C LEU B 122 14.71 -6.02 20.80
N LEU B 123 13.59 -5.37 20.51
CA LEU B 123 13.37 -3.97 20.83
C LEU B 123 13.75 -3.68 22.29
N MET B 124 13.34 -4.57 23.19
CA MET B 124 13.51 -4.34 24.63
C MET B 124 14.99 -4.40 25.06
N ARG B 125 15.82 -5.10 24.28
CA ARG B 125 17.26 -5.23 24.55
C ARG B 125 18.15 -4.40 23.62
N MET B 126 17.55 -3.68 22.69
CA MET B 126 18.35 -3.00 21.67
C MET B 126 19.10 -1.81 22.26
N LYS B 127 20.41 -1.75 22.04
CA LYS B 127 21.19 -0.68 22.60
C LYS B 127 21.06 0.57 21.75
N GLU B 128 21.18 1.71 22.40
CA GLU B 128 21.17 3.00 21.73
C GLU B 128 22.19 3.06 20.58
N ASP B 129 23.36 2.46 20.76
CA ASP B 129 24.41 2.46 19.72
C ASP B 129 24.03 1.60 18.51
N GLU B 130 23.32 0.50 18.77
CA GLU B 130 22.86 -0.38 17.69
C GLU B 130 21.79 0.35 16.85
N TRP B 131 20.94 1.13 17.53
CA TRP B 131 19.96 1.94 16.85
C TRP B 131 20.64 3.00 16.01
N ASP B 132 21.50 3.81 16.64
CA ASP B 132 22.16 4.96 16.00
C ASP B 132 23.01 4.56 14.81
N ASP B 133 23.81 3.50 14.96
CA ASP B 133 24.70 3.06 13.88
C ASP B 133 23.94 2.66 12.61
N VAL B 134 22.85 1.92 12.78
CA VAL B 134 22.03 1.48 11.64
C VAL B 134 21.27 2.64 10.98
N ILE B 135 20.66 3.50 11.79
CA ILE B 135 19.99 4.72 11.27
C ILE B 135 20.99 5.65 10.56
N ASN B 136 22.16 5.88 11.15
CA ASN B 136 23.14 6.79 10.55
C ASN B 136 23.69 6.30 9.21
N ILE B 137 23.99 5.01 9.11
CA ILE B 137 24.56 4.49 7.88
C ILE B 137 23.47 4.31 6.82
N ASN B 138 22.38 3.65 7.19
CA ASN B 138 21.39 3.21 6.22
C ASN B 138 20.53 4.39 5.76
N LEU B 139 20.15 5.27 6.66
CA LEU B 139 19.18 6.29 6.31
C LEU B 139 19.87 7.64 6.12
N LYS B 140 20.59 8.08 7.13
CA LYS B 140 21.32 9.35 7.04
C LYS B 140 22.34 9.29 5.88
N GLY B 141 23.01 8.14 5.72
CA GLY B 141 23.93 7.93 4.60
C GLY B 141 23.29 8.13 3.24
N THR B 142 22.07 7.62 3.08
CA THR B 142 21.32 7.75 1.84
C THR B 142 20.92 9.23 1.62
N PHE B 143 20.50 9.92 2.68
CA PHE B 143 20.24 11.37 2.62
C PHE B 143 21.48 12.15 2.18
N LEU B 144 22.61 11.88 2.82
CA LEU B 144 23.83 12.65 2.56
C LEU B 144 24.33 12.46 1.11
N CYS B 145 24.32 11.24 0.61
CA CYS B 145 24.73 10.99 -0.78
C CYS B 145 23.73 11.57 -1.77
N THR B 146 22.44 11.46 -1.46
CA THR B 146 21.42 12.05 -2.30
C THR B 146 21.62 13.58 -2.37
N LYS B 147 21.82 14.19 -1.22
CA LYS B 147 22.05 15.65 -1.18
C LYS B 147 23.26 16.02 -2.01
N ALA B 148 24.36 15.29 -1.87
CA ALA B 148 25.59 15.63 -2.57
C ALA B 148 25.46 15.54 -4.09
N VAL B 149 24.75 14.52 -4.59
CA VAL B 149 24.59 14.33 -6.04
C VAL B 149 23.52 15.25 -6.67
N SER B 150 22.59 15.73 -5.85
CA SER B 150 21.41 16.46 -6.34
C SER B 150 21.75 17.74 -7.10
N ARG B 151 22.70 18.54 -6.63
CA ARG B 151 23.06 19.79 -7.34
C ARG B 151 23.62 19.51 -8.74
N THR B 152 24.51 18.54 -8.86
CA THR B 152 25.08 18.19 -10.17
C THR B 152 24.04 17.57 -11.11
N MET B 153 23.16 16.73 -10.57
CA MET B 153 22.10 16.18 -11.41
C MET B 153 21.11 17.25 -11.87
N MET B 154 20.76 18.16 -10.98
N MET B 154 20.77 18.17 -10.98
CA MET B 154 19.83 19.22 -11.34
CA MET B 154 19.82 19.23 -11.31
C MET B 154 20.42 20.07 -12.44
C MET B 154 20.39 20.16 -12.36
N LYS B 155 21.69 20.42 -12.30
CA LYS B 155 22.40 21.19 -13.34
C LYS B 155 22.44 20.44 -14.69
N GLN B 156 22.72 19.14 -14.67
CA GLN B 156 22.64 18.25 -15.84
C GLN B 156 21.25 18.13 -16.47
N ARG B 157 20.21 18.38 -15.66
CA ARG B 157 18.82 18.06 -16.04
C ARG B 157 18.63 16.62 -16.46
N ALA B 158 19.35 15.73 -15.77
CA ALA B 158 19.26 14.30 -16.02
C ALA B 158 19.96 13.57 -14.90
N GLY B 159 19.49 12.36 -14.64
CA GLY B 159 20.13 11.50 -13.66
C GLY B 159 19.16 10.46 -13.16
N LYS B 160 19.71 9.40 -12.59
CA LYS B 160 18.91 8.35 -11.95
C LYS B 160 19.47 8.05 -10.58
N ILE B 161 18.59 7.97 -9.58
CA ILE B 161 18.97 7.57 -8.25
C ILE B 161 18.18 6.31 -7.92
N ILE B 162 18.87 5.27 -7.46
CA ILE B 162 18.27 4.05 -6.98
C ILE B 162 18.69 3.80 -5.54
N ASN B 163 17.72 3.72 -4.64
CA ASN B 163 18.02 3.49 -3.25
C ASN B 163 17.74 2.04 -2.90
N MET B 164 18.52 1.48 -2.00
CA MET B 164 18.38 0.08 -1.62
C MET B 164 17.61 0.05 -0.30
N ALA B 165 16.39 -0.45 -0.37
CA ALA B 165 15.53 -0.62 0.79
C ALA B 165 15.55 -2.12 1.18
N SER B 166 14.43 -2.65 1.64
CA SER B 166 14.29 -4.07 1.95
C SER B 166 12.82 -4.35 2.11
N VAL B 167 12.36 -5.54 1.78
CA VAL B 167 10.94 -5.82 1.95
C VAL B 167 10.50 -5.73 3.42
N VAL B 168 11.41 -5.90 4.38
CA VAL B 168 11.04 -5.77 5.80
C VAL B 168 10.70 -4.33 6.17
N GLY B 169 11.11 -3.39 5.34
CA GLY B 169 10.69 -2.01 5.48
C GLY B 169 9.23 -1.82 5.16
N LEU B 170 8.69 -2.73 4.34
CA LEU B 170 7.27 -2.72 3.97
C LEU B 170 6.38 -3.35 5.04
N ILE B 171 6.83 -4.42 5.68
CA ILE B 171 5.99 -5.22 6.56
C ILE B 171 6.44 -5.33 8.03
N GLY B 172 7.65 -4.89 8.33
CA GLY B 172 8.21 -5.05 9.67
C GLY B 172 8.76 -6.44 9.92
N ASN B 173 9.59 -6.56 10.94
CA ASN B 173 10.25 -7.82 11.25
C ASN B 173 10.79 -7.79 12.66
N ALA B 174 10.32 -8.72 13.49
CA ALA B 174 10.82 -8.84 14.85
C ALA B 174 12.34 -8.98 14.88
N GLY B 175 12.97 -8.25 15.81
CA GLY B 175 14.41 -8.32 16.01
C GLY B 175 15.17 -7.28 15.21
N GLN B 176 14.45 -6.47 14.42
CA GLN B 176 15.07 -5.55 13.45
C GLN B 176 14.43 -4.18 13.46
N ALA B 177 14.02 -3.68 14.61
CA ALA B 177 13.36 -2.38 14.67
C ALA B 177 14.21 -1.26 14.04
N ASN B 178 15.52 -1.27 14.30
CA ASN B 178 16.44 -0.29 13.72
C ASN B 178 16.51 -0.40 12.18
N TYR B 179 16.71 -1.62 11.68
CA TYR B 179 16.86 -1.85 10.26
C TYR B 179 15.57 -1.51 9.53
N VAL B 180 14.45 -1.95 10.09
CA VAL B 180 13.14 -1.74 9.49
C VAL B 180 12.83 -0.23 9.44
N ALA B 181 13.09 0.47 10.54
CA ALA B 181 12.87 1.91 10.60
C ALA B 181 13.73 2.58 9.54
N SER B 182 14.98 2.12 9.43
CA SER B 182 15.92 2.75 8.50
C SER B 182 15.46 2.56 7.06
N LYS B 183 14.99 1.36 6.72
CA LYS B 183 14.60 1.06 5.34
C LYS B 183 13.23 1.61 4.96
N ALA B 184 12.29 1.58 5.90
CA ALA B 184 11.04 2.30 5.71
C ALA B 184 11.31 3.81 5.54
N GLY B 185 12.26 4.34 6.27
CA GLY B 185 12.66 5.73 6.11
C GLY B 185 13.20 5.98 4.71
N VAL B 186 14.00 5.05 4.19
CA VAL B 186 14.59 5.20 2.85
C VAL B 186 13.49 5.25 1.79
N ILE B 187 12.47 4.43 1.93
CA ILE B 187 11.32 4.45 1.04
C ILE B 187 10.63 5.82 1.08
N GLY B 188 10.40 6.40 2.26
CA GLY B 188 9.80 7.73 2.33
C GLY B 188 10.68 8.80 1.67
N LEU B 189 11.98 8.73 1.97
CA LEU B 189 12.99 9.62 1.42
C LEU B 189 13.02 9.56 -0.11
N THR B 190 12.89 8.36 -0.63
CA THR B 190 12.83 8.12 -2.08
C THR B 190 11.68 8.90 -2.71
N LYS B 191 10.52 8.88 -2.07
CA LYS B 191 9.33 9.59 -2.57
C LYS B 191 9.54 11.10 -2.58
N THR B 192 10.06 11.64 -1.51
CA THR B 192 10.35 13.07 -1.43
C THR B 192 11.38 13.52 -2.45
N THR B 193 12.45 12.73 -2.60
CA THR B 193 13.51 13.03 -3.54
C THR B 193 12.96 13.03 -4.96
N ALA B 194 12.14 12.03 -5.26
CA ALA B 194 11.47 11.90 -6.55
C ALA B 194 10.64 13.17 -6.87
N ARG B 195 9.86 13.64 -5.91
CA ARG B 195 9.07 14.87 -6.10
C ARG B 195 9.94 16.12 -6.26
N GLU B 196 11.02 16.23 -5.49
CA GLU B 196 11.90 17.40 -5.58
C GLU B 196 12.70 17.42 -6.87
N LEU B 197 13.06 16.25 -7.39
CA LEU B 197 13.93 16.18 -8.58
C LEU B 197 13.20 15.91 -9.90
N ALA B 198 11.93 15.51 -9.84
CA ALA B 198 11.13 15.27 -11.06
C ALA B 198 11.05 16.48 -12.00
N PRO B 199 11.00 17.71 -11.46
CA PRO B 199 10.93 18.86 -12.39
C PRO B 199 12.14 18.99 -13.31
N ARG B 200 13.29 18.43 -12.94
CA ARG B 200 14.45 18.47 -13.84
C ARG B 200 14.77 17.14 -14.50
N GLY B 201 13.75 16.27 -14.54
CA GLY B 201 13.81 15.01 -15.26
C GLY B 201 14.72 13.93 -14.65
N ILE B 202 14.87 13.93 -13.34
CA ILE B 202 15.69 12.95 -12.64
C ILE B 202 14.75 11.89 -12.03
N ASN B 203 14.99 10.61 -12.32
CA ASN B 203 14.17 9.50 -11.79
C ASN B 203 14.77 9.02 -10.50
N VAL B 204 13.91 8.77 -9.52
CA VAL B 204 14.36 8.33 -8.20
C VAL B 204 13.47 7.18 -7.77
N ASN B 205 14.06 6.00 -7.56
CA ASN B 205 13.28 4.83 -7.18
C ASN B 205 14.07 3.99 -6.18
N ALA B 206 13.42 2.97 -5.61
CA ALA B 206 14.06 2.06 -4.67
C ALA B 206 13.82 0.62 -5.11
N VAL B 207 14.77 -0.23 -4.74
CA VAL B 207 14.65 -1.66 -4.88
C VAL B 207 14.58 -2.22 -3.46
N ALA B 208 13.62 -3.12 -3.25
CA ALA B 208 13.42 -3.75 -1.97
C ALA B 208 13.70 -5.25 -2.09
N PRO B 209 14.93 -5.69 -1.81
CA PRO B 209 15.21 -7.13 -1.84
C PRO B 209 14.50 -7.92 -0.74
N GLY B 210 14.17 -9.17 -1.01
CA GLY B 210 13.74 -10.12 0.01
C GLY B 210 14.98 -10.85 0.51
N PHE B 211 14.93 -12.18 0.57
CA PHE B 211 16.11 -12.95 1.00
C PHE B 211 17.03 -13.23 -0.19
N ILE B 212 18.25 -12.72 -0.13
CA ILE B 212 19.20 -12.88 -1.22
C ILE B 212 20.42 -13.71 -0.79
N THR B 213 20.88 -14.64 -1.63
CA THR B 213 22.04 -15.45 -1.28
C THR B 213 23.29 -14.57 -1.32
N THR B 214 23.94 -14.47 -0.18
CA THR B 214 25.17 -13.71 0.01
C THR B 214 26.23 -14.66 0.63
N ASP B 215 27.51 -14.26 0.56
CA ASP B 215 28.62 -14.93 1.26
C ASP B 215 28.22 -15.47 2.63
N LYS B 225 17.11 -21.12 7.64
CA LYS B 225 17.03 -21.50 6.24
C LYS B 225 15.65 -22.06 5.95
N GLU B 226 15.29 -23.13 6.66
CA GLU B 226 14.00 -23.79 6.48
C GLU B 226 12.80 -22.84 6.63
N ALA B 227 12.89 -21.95 7.61
CA ALA B 227 11.80 -21.04 7.96
C ALA B 227 11.72 -19.81 7.05
N MET B 228 12.86 -19.37 6.56
CA MET B 228 12.92 -18.29 5.58
C MET B 228 12.29 -18.74 4.28
N LEU B 229 12.74 -19.88 3.78
CA LEU B 229 12.20 -20.46 2.54
C LEU B 229 10.70 -20.64 2.56
N ALA B 230 10.15 -21.06 3.69
CA ALA B 230 8.69 -21.27 3.81
C ALA B 230 7.92 -20.00 3.47
N GLN B 231 8.55 -18.84 3.65
CA GLN B 231 7.91 -17.54 3.40
C GLN B 231 8.03 -17.01 1.97
N ILE B 232 8.72 -17.73 1.12
CA ILE B 232 8.96 -17.34 -0.27
C ILE B 232 8.18 -18.24 -1.24
N PRO B 233 7.18 -17.70 -1.93
CA PRO B 233 6.43 -18.51 -2.89
C PRO B 233 7.30 -19.19 -3.95
N LEU B 234 8.34 -18.50 -4.48
CA LEU B 234 9.22 -19.15 -5.47
C LEU B 234 10.07 -20.27 -4.87
N GLY B 235 10.18 -20.31 -3.54
CA GLY B 235 10.79 -21.46 -2.85
C GLY B 235 12.31 -21.48 -2.83
N ALA B 236 12.95 -20.34 -3.12
CA ALA B 236 14.39 -20.23 -3.11
C ALA B 236 14.80 -18.80 -2.79
N TYR B 237 15.97 -18.66 -2.19
CA TYR B 237 16.59 -17.34 -2.02
C TYR B 237 16.89 -16.77 -3.40
N GLY B 238 16.85 -15.45 -3.51
CA GLY B 238 17.27 -14.78 -4.73
C GLY B 238 18.77 -14.69 -4.87
N THR B 239 19.21 -14.13 -6.00
CA THR B 239 20.63 -13.95 -6.26
C THR B 239 20.99 -12.47 -6.34
N THR B 240 22.27 -12.18 -6.19
CA THR B 240 22.71 -10.80 -6.35
C THR B 240 22.48 -10.32 -7.79
N GLU B 241 22.54 -11.22 -8.77
CA GLU B 241 22.27 -10.82 -10.15
C GLU B 241 20.83 -10.32 -10.26
N ASP B 242 19.89 -10.98 -9.56
CA ASP B 242 18.49 -10.54 -9.57
C ASP B 242 18.37 -9.09 -9.11
N ILE B 243 19.09 -8.71 -8.07
CA ILE B 243 18.99 -7.35 -7.55
C ILE B 243 19.68 -6.41 -8.52
N ALA B 244 20.85 -6.80 -8.98
CA ALA B 244 21.58 -6.02 -9.99
C ALA B 244 20.75 -5.73 -11.24
N ASN B 245 20.01 -6.72 -11.72
CA ASN B 245 19.15 -6.55 -12.89
C ASN B 245 18.02 -5.53 -12.66
N ALA B 246 17.44 -5.53 -11.46
CA ALA B 246 16.40 -4.55 -11.13
C ALA B 246 17.01 -3.13 -11.07
N VAL B 247 18.17 -3.01 -10.46
CA VAL B 247 18.87 -1.72 -10.43
C VAL B 247 19.16 -1.22 -11.86
N LEU B 248 19.64 -2.12 -12.72
CA LEU B 248 19.95 -1.75 -14.10
C LEU B 248 18.68 -1.25 -14.81
N PHE B 249 17.58 -1.97 -14.65
CA PHE B 249 16.31 -1.55 -15.25
C PHE B 249 15.94 -0.12 -14.80
N LEU B 250 16.00 0.13 -13.50
CA LEU B 250 15.68 1.47 -12.98
C LEU B 250 16.71 2.56 -13.30
N ALA B 251 17.92 2.18 -13.74
CA ALA B 251 18.99 3.12 -14.13
C ALA B 251 19.02 3.44 -15.65
N SER B 252 18.17 2.78 -16.41
CA SER B 252 18.19 2.87 -17.87
C SER B 252 16.95 3.56 -18.43
N ASP B 253 17.02 3.89 -19.73
CA ASP B 253 15.92 4.50 -20.47
C ASP B 253 14.65 3.64 -20.48
N ALA B 254 14.80 2.34 -20.23
CA ALA B 254 13.68 1.41 -20.14
C ALA B 254 12.63 1.74 -19.09
N SER B 255 13.02 2.51 -18.07
CA SER B 255 12.18 2.89 -16.94
C SER B 255 12.07 4.41 -16.80
N LYS B 256 12.30 5.14 -17.90
CA LYS B 256 12.34 6.60 -17.83
C LYS B 256 11.02 7.26 -17.38
N TYR B 257 9.90 6.54 -17.39
CA TYR B 257 8.61 7.10 -16.92
C TYR B 257 8.24 6.59 -15.53
N ILE B 258 9.17 5.91 -14.86
CA ILE B 258 8.97 5.37 -13.53
C ILE B 258 9.73 6.23 -12.52
N THR B 259 9.01 6.79 -11.56
CA THR B 259 9.65 7.52 -10.49
C THR B 259 8.84 7.46 -9.23
N GLY B 260 9.55 7.50 -8.11
CA GLY B 260 8.97 7.43 -6.77
C GLY B 260 8.47 6.07 -6.37
N GLN B 261 8.90 5.03 -7.08
CA GLN B 261 8.45 3.66 -6.84
C GLN B 261 9.46 2.82 -6.07
N THR B 262 8.94 1.76 -5.41
CA THR B 262 9.77 0.73 -4.80
C THR B 262 9.46 -0.59 -5.50
N LEU B 263 10.48 -1.22 -6.04
CA LEU B 263 10.32 -2.48 -6.76
C LEU B 263 10.78 -3.61 -5.85
N SER B 264 9.85 -4.47 -5.44
CA SER B 264 10.16 -5.59 -4.55
C SER B 264 10.67 -6.75 -5.40
N VAL B 265 11.84 -7.26 -5.02
CA VAL B 265 12.49 -8.37 -5.68
C VAL B 265 12.71 -9.44 -4.61
N ASP B 266 11.66 -10.22 -4.36
CA ASP B 266 11.58 -11.04 -3.16
C ASP B 266 10.94 -12.41 -3.33
N GLY B 267 10.86 -12.90 -4.57
CA GLY B 267 10.25 -14.19 -4.85
C GLY B 267 8.78 -14.33 -4.42
N GLY B 268 8.10 -13.20 -4.24
CA GLY B 268 6.69 -13.19 -3.83
C GLY B 268 6.44 -13.12 -2.34
N MET B 269 7.50 -12.87 -1.57
CA MET B 269 7.41 -12.80 -0.12
C MET B 269 6.42 -11.75 0.39
N VAL B 270 6.44 -10.57 -0.23
CA VAL B 270 5.47 -9.53 0.06
C VAL B 270 4.74 -9.15 -1.22
N MET B 271 3.43 -9.36 -1.24
CA MET B 271 2.58 -8.88 -2.31
C MET B 271 1.61 -7.85 -1.75
N MET C 25 -24.71 6.12 23.29
CA MET C 25 -25.73 5.83 22.20
C MET C 25 -25.47 6.70 20.98
N THR C 26 -24.33 6.44 20.35
CA THR C 26 -23.78 7.34 19.34
C THR C 26 -24.57 7.38 18.03
N LEU C 27 -25.43 6.39 17.79
CA LEU C 27 -26.22 6.35 16.56
C LEU C 27 -27.74 6.51 16.83
N GLN C 28 -28.08 7.19 17.91
CA GLN C 28 -29.47 7.28 18.36
C GLN C 28 -30.37 7.84 17.26
N GLY C 29 -31.36 7.05 16.86
CA GLY C 29 -32.28 7.47 15.80
C GLY C 29 -31.72 7.48 14.38
N LYS C 30 -30.50 6.99 14.16
CA LYS C 30 -30.01 6.83 12.77
C LYS C 30 -30.69 5.63 12.13
N VAL C 31 -30.72 5.60 10.81
CA VAL C 31 -31.26 4.49 10.06
C VAL C 31 -30.09 3.78 9.33
N ALA C 32 -29.88 2.52 9.70
CA ALA C 32 -28.83 1.67 9.09
C ALA C 32 -29.41 0.56 8.24
N VAL C 33 -28.96 0.50 6.98
CA VAL C 33 -29.23 -0.65 6.12
C VAL C 33 -28.05 -1.59 6.16
N VAL C 34 -28.31 -2.87 6.42
CA VAL C 34 -27.26 -3.87 6.47
C VAL C 34 -27.59 -4.98 5.46
N THR C 35 -26.75 -5.15 4.44
CA THR C 35 -26.96 -6.29 3.54
C THR C 35 -26.36 -7.53 4.17
N GLY C 36 -26.99 -8.68 3.95
CA GLY C 36 -26.53 -9.91 4.59
C GLY C 36 -26.74 -9.94 6.09
N GLY C 37 -27.80 -9.30 6.56
CA GLY C 37 -28.04 -9.21 8.00
C GLY C 37 -28.61 -10.46 8.67
N SER C 38 -28.89 -11.51 7.91
CA SER C 38 -29.62 -12.68 8.45
C SER C 38 -28.79 -13.62 9.32
N ARG C 39 -27.46 -13.60 9.17
CA ARG C 39 -26.61 -14.40 10.03
C ARG C 39 -25.16 -13.98 9.96
N GLY C 40 -24.32 -14.65 10.75
CA GLY C 40 -22.88 -14.43 10.72
C GLY C 40 -22.49 -13.02 11.12
N ILE C 41 -21.50 -12.47 10.43
CA ILE C 41 -21.00 -11.14 10.75
C ILE C 41 -22.09 -10.08 10.64
N GLY C 42 -22.95 -10.21 9.62
CA GLY C 42 -23.98 -9.23 9.34
C GLY C 42 -25.03 -9.08 10.44
N ARG C 43 -25.37 -10.21 11.05
CA ARG C 43 -26.32 -10.22 12.17
C ARG C 43 -25.73 -9.47 13.35
N ASP C 44 -24.47 -9.77 13.65
CA ASP C 44 -23.80 -9.10 14.74
C ASP C 44 -23.55 -7.62 14.45
N ILE C 45 -23.37 -7.23 13.20
CA ILE C 45 -23.29 -5.81 12.88
C ILE C 45 -24.65 -5.13 13.16
N ALA C 46 -25.72 -5.71 12.66
CA ALA C 46 -27.08 -5.19 12.92
C ALA C 46 -27.36 -4.99 14.42
N ILE C 47 -27.03 -5.98 15.23
CA ILE C 47 -27.29 -5.93 16.67
C ILE C 47 -26.45 -4.87 17.35
N ASN C 48 -25.19 -4.78 16.94
CA ASN C 48 -24.29 -3.77 17.47
C ASN C 48 -24.76 -2.35 17.13
N LEU C 49 -25.20 -2.13 15.89
CA LEU C 49 -25.72 -0.80 15.53
C LEU C 49 -26.98 -0.48 16.34
N ALA C 50 -27.85 -1.49 16.47
CA ALA C 50 -29.06 -1.35 17.28
C ALA C 50 -28.76 -1.01 18.74
N LYS C 51 -27.75 -1.69 19.29
CA LYS C 51 -27.27 -1.41 20.63
C LYS C 51 -26.87 0.08 20.79
N GLU C 52 -26.36 0.70 19.71
CA GLU C 52 -26.02 2.12 19.74
C GLU C 52 -27.17 3.06 19.30
N GLY C 53 -28.36 2.50 19.14
CA GLY C 53 -29.57 3.29 18.89
C GLY C 53 -30.09 3.39 17.46
N ALA C 54 -29.44 2.71 16.52
CA ALA C 54 -29.86 2.78 15.13
C ALA C 54 -31.04 1.86 14.86
N ASN C 55 -32.02 2.38 14.14
CA ASN C 55 -33.05 1.57 13.49
C ASN C 55 -32.44 0.79 12.33
N ILE C 56 -32.94 -0.42 12.08
CA ILE C 56 -32.30 -1.34 11.17
C ILE C 56 -33.25 -1.82 10.09
N PHE C 57 -32.77 -1.80 8.84
CA PHE C 57 -33.45 -2.40 7.74
C PHE C 57 -32.44 -3.35 7.10
N PHE C 58 -32.72 -4.64 7.07
CA PHE C 58 -31.76 -5.58 6.51
C PHE C 58 -32.42 -6.55 5.54
N ASN C 59 -31.59 -7.22 4.76
CA ASN C 59 -32.10 -8.16 3.81
C ASN C 59 -31.74 -9.59 4.19
N TYR C 60 -32.43 -10.52 3.56
CA TYR C 60 -32.04 -11.91 3.58
C TYR C 60 -32.36 -12.44 2.20
N ASN C 61 -31.79 -13.57 1.85
CA ASN C 61 -32.05 -14.14 0.54
C ASN C 61 -32.54 -15.58 0.67
N GLY C 62 -31.67 -16.44 1.21
CA GLY C 62 -31.98 -17.87 1.37
C GLY C 62 -32.41 -18.34 2.75
N SER C 63 -32.40 -17.46 3.75
CA SER C 63 -32.63 -17.86 5.14
C SER C 63 -33.73 -17.03 5.87
N PRO C 64 -35.01 -17.32 5.61
CA PRO C 64 -36.09 -16.53 6.25
C PRO C 64 -36.15 -16.67 7.79
N GLU C 65 -35.93 -17.89 8.29
CA GLU C 65 -35.96 -18.16 9.73
C GLU C 65 -34.81 -17.43 10.44
N ALA C 66 -33.65 -17.45 9.81
CA ALA C 66 -32.51 -16.73 10.34
C ALA C 66 -32.80 -15.23 10.44
N ALA C 67 -33.51 -14.68 9.46
CA ALA C 67 -33.85 -13.25 9.50
C ALA C 67 -34.80 -12.94 10.65
N GLU C 68 -35.80 -13.81 10.88
CA GLU C 68 -36.68 -13.68 12.04
C GLU C 68 -35.89 -13.57 13.34
N GLU C 69 -34.86 -14.39 13.46
CA GLU C 69 -34.05 -14.43 14.67
C GLU C 69 -33.17 -13.18 14.84
N THR C 70 -32.55 -12.71 13.76
CA THR C 70 -31.87 -11.40 13.79
C THR C 70 -32.84 -10.30 14.21
N ALA C 71 -34.01 -10.28 13.59
CA ALA C 71 -34.99 -9.23 13.87
C ALA C 71 -35.41 -9.19 15.34
N LYS C 72 -35.43 -10.34 16.00
CA LYS C 72 -35.82 -10.42 17.41
C LYS C 72 -34.69 -9.98 18.33
N LEU C 73 -33.46 -10.32 17.96
CA LEU C 73 -32.30 -9.90 18.73
C LEU C 73 -32.13 -8.38 18.61
N VAL C 74 -32.44 -7.83 17.44
CA VAL C 74 -32.34 -6.38 17.22
C VAL C 74 -33.43 -5.66 18.03
N ALA C 75 -34.65 -6.14 17.93
CA ALA C 75 -35.80 -5.54 18.61
C ALA C 75 -35.65 -5.49 20.14
N GLU C 76 -34.88 -6.44 20.69
CA GLU C 76 -34.58 -6.41 22.13
C GLU C 76 -33.89 -5.14 22.59
N HIS C 77 -33.21 -4.44 21.69
CA HIS C 77 -32.54 -3.19 22.06
C HIS C 77 -33.44 -1.97 21.91
N GLY C 78 -34.70 -2.19 21.57
CA GLY C 78 -35.70 -1.14 21.62
C GLY C 78 -35.80 -0.26 20.39
N VAL C 79 -35.07 -0.63 19.34
CA VAL C 79 -35.11 0.09 18.07
C VAL C 79 -36.12 -0.56 17.14
N GLU C 80 -36.46 0.14 16.06
CA GLU C 80 -37.32 -0.40 15.05
C GLU C 80 -36.49 -1.21 14.05
N VAL C 81 -37.06 -2.32 13.58
CA VAL C 81 -36.36 -3.20 12.65
C VAL C 81 -37.30 -3.75 11.58
N GLU C 82 -36.80 -3.91 10.37
CA GLU C 82 -37.56 -4.52 9.30
C GLU C 82 -36.66 -5.34 8.40
N ALA C 83 -37.11 -6.54 8.06
CA ALA C 83 -36.38 -7.45 7.18
C ALA C 83 -37.12 -7.51 5.84
N MET C 84 -36.38 -7.68 4.74
CA MET C 84 -36.98 -7.81 3.43
C MET C 84 -36.11 -8.69 2.55
N LYS C 85 -36.74 -9.58 1.78
CA LYS C 85 -36.00 -10.48 0.89
C LYS C 85 -35.42 -9.71 -0.28
N ALA C 86 -34.13 -9.91 -0.55
CA ALA C 86 -33.50 -9.31 -1.72
C ALA C 86 -32.20 -10.01 -2.05
N ASN C 87 -32.02 -10.36 -3.32
CA ASN C 87 -30.75 -10.86 -3.82
C ASN C 87 -29.96 -9.65 -4.34
N VAL C 88 -28.81 -9.34 -3.73
CA VAL C 88 -28.05 -8.12 -4.08
C VAL C 88 -27.47 -8.13 -5.48
N ALA C 89 -27.38 -9.30 -6.09
CA ALA C 89 -26.89 -9.41 -7.46
C ALA C 89 -27.94 -9.01 -8.52
N ILE C 90 -29.20 -8.83 -8.10
CA ILE C 90 -30.32 -8.55 -8.99
C ILE C 90 -30.77 -7.11 -8.82
N ALA C 91 -30.59 -6.32 -9.87
CA ALA C 91 -30.87 -4.89 -9.84
C ALA C 91 -32.34 -4.61 -9.43
N GLU C 92 -33.27 -5.42 -9.91
CA GLU C 92 -34.68 -5.23 -9.60
C GLU C 92 -34.95 -5.38 -8.10
N ASP C 93 -34.36 -6.41 -7.49
CA ASP C 93 -34.46 -6.63 -6.02
C ASP C 93 -33.86 -5.49 -5.21
N VAL C 94 -32.68 -5.04 -5.63
CA VAL C 94 -31.98 -3.96 -4.94
C VAL C 94 -32.80 -2.67 -5.02
N ASP C 95 -33.34 -2.36 -6.20
CA ASP C 95 -34.20 -1.18 -6.37
C ASP C 95 -35.42 -1.21 -5.43
N ALA C 96 -36.10 -2.35 -5.35
CA ALA C 96 -37.30 -2.47 -4.48
C ALA C 96 -36.89 -2.43 -3.01
N PHE C 97 -35.70 -2.96 -2.72
CA PHE C 97 -35.22 -2.99 -1.35
C PHE C 97 -34.98 -1.57 -0.80
N PHE C 98 -34.21 -0.76 -1.52
CA PHE C 98 -33.97 0.61 -1.08
C PHE C 98 -35.20 1.50 -1.13
N LYS C 99 -36.07 1.28 -2.11
CA LYS C 99 -37.33 2.02 -2.19
C LYS C 99 -38.16 1.81 -0.96
N GLN C 100 -38.26 0.56 -0.51
CA GLN C 100 -38.98 0.21 0.70
C GLN C 100 -38.31 0.76 1.96
N ALA C 101 -36.98 0.72 2.01
CA ALA C 101 -36.25 1.34 3.13
C ALA C 101 -36.64 2.82 3.28
N ILE C 102 -36.64 3.54 2.16
CA ILE C 102 -36.96 4.95 2.16
C ILE C 102 -38.44 5.17 2.51
N GLU C 103 -39.32 4.33 1.97
CA GLU C 103 -40.74 4.32 2.33
C GLU C 103 -40.97 4.16 3.83
N ARG C 104 -40.34 3.15 4.40
CA ARG C 104 -40.44 2.88 5.83
C ARG C 104 -39.80 3.94 6.73
N PHE C 105 -38.59 4.40 6.38
CA PHE C 105 -37.81 5.23 7.32
C PHE C 105 -37.51 6.63 6.86
N GLY C 106 -37.73 6.94 5.58
CA GLY C 106 -37.55 8.28 5.05
C GLY C 106 -36.14 8.66 4.65
N ARG C 107 -35.16 7.90 5.13
CA ARG C 107 -33.74 8.22 4.97
C ARG C 107 -32.88 6.98 5.23
N VAL C 108 -31.64 7.04 4.77
CA VAL C 108 -30.66 6.00 5.09
C VAL C 108 -29.40 6.73 5.49
N ASP C 109 -29.03 6.61 6.75
CA ASP C 109 -27.87 7.28 7.32
C ASP C 109 -26.58 6.43 7.16
N ILE C 110 -26.74 5.11 7.19
CA ILE C 110 -25.64 4.15 7.22
C ILE C 110 -26.00 3.00 6.27
N LEU C 111 -25.11 2.68 5.32
CA LEU C 111 -25.23 1.43 4.56
C LEU C 111 -24.01 0.54 4.81
N VAL C 112 -24.27 -0.68 5.28
CA VAL C 112 -23.23 -1.70 5.42
C VAL C 112 -23.44 -2.75 4.31
N ASN C 113 -22.50 -2.79 3.37
CA ASN C 113 -22.50 -3.78 2.30
C ASN C 113 -21.75 -5.02 2.76
N ASN C 114 -22.46 -5.93 3.39
CA ASN C 114 -21.85 -7.10 4.02
C ASN C 114 -22.11 -8.42 3.29
N ALA C 115 -23.16 -8.46 2.47
CA ALA C 115 -23.52 -9.68 1.77
C ALA C 115 -22.33 -10.19 0.96
N GLY C 116 -22.04 -11.48 1.10
CA GLY C 116 -20.93 -12.06 0.36
C GLY C 116 -20.95 -13.57 0.46
N ILE C 117 -20.30 -14.22 -0.50
CA ILE C 117 -20.18 -15.68 -0.54
C ILE C 117 -18.78 -16.06 -1.03
N THR C 118 -18.43 -17.32 -0.82
CA THR C 118 -17.21 -17.92 -1.40
C THR C 118 -17.60 -19.14 -2.26
N ARG C 119 -16.82 -19.41 -3.30
CA ARG C 119 -16.87 -20.66 -4.08
C ARG C 119 -15.42 -21.01 -4.43
N ASP C 120 -14.70 -21.57 -3.45
CA ASP C 120 -13.26 -21.77 -3.54
C ASP C 120 -12.90 -22.88 -4.52
N ASN C 121 -11.84 -22.68 -5.30
CA ASN C 121 -11.35 -23.72 -6.22
C ASN C 121 -10.01 -23.25 -6.75
N LEU C 122 -9.17 -24.18 -7.15
CA LEU C 122 -7.91 -23.84 -7.82
C LEU C 122 -8.21 -23.09 -9.10
N LEU C 123 -7.42 -22.06 -9.38
CA LEU C 123 -7.62 -21.23 -10.57
C LEU C 123 -7.72 -22.08 -11.83
N MET C 124 -6.83 -23.07 -11.94
CA MET C 124 -6.73 -23.89 -13.14
C MET C 124 -7.99 -24.67 -13.50
N ARG C 125 -8.85 -24.95 -12.51
CA ARG C 125 -10.09 -25.68 -12.77
C ARG C 125 -11.34 -24.91 -12.36
N MET C 126 -11.19 -23.63 -12.03
CA MET C 126 -12.30 -22.83 -11.54
C MET C 126 -13.36 -22.72 -12.60
N LYS C 127 -14.57 -23.09 -12.23
CA LYS C 127 -15.68 -23.06 -13.16
C LYS C 127 -16.17 -21.63 -13.38
N GLU C 128 -16.66 -21.37 -14.58
CA GLU C 128 -17.18 -20.07 -14.94
C GLU C 128 -18.27 -19.61 -13.98
N ASP C 129 -19.16 -20.51 -13.56
CA ASP C 129 -20.22 -20.12 -12.63
C ASP C 129 -19.70 -19.86 -11.20
N GLU C 130 -18.66 -20.57 -10.78
CA GLU C 130 -17.99 -20.27 -9.51
C GLU C 130 -17.42 -18.84 -9.55
N TRP C 131 -16.82 -18.48 -10.68
CA TRP C 131 -16.32 -17.12 -10.90
C TRP C 131 -17.48 -16.13 -10.87
N ASP C 132 -18.46 -16.33 -11.73
CA ASP C 132 -19.56 -15.38 -11.92
C ASP C 132 -20.37 -15.11 -10.64
N ASP C 133 -20.73 -16.17 -9.91
CA ASP C 133 -21.56 -16.01 -8.74
C ASP C 133 -20.89 -15.18 -7.66
N VAL C 134 -19.60 -15.43 -7.42
CA VAL C 134 -18.84 -14.68 -6.42
C VAL C 134 -18.67 -13.22 -6.83
N ILE C 135 -18.31 -12.98 -8.09
CA ILE C 135 -18.21 -11.59 -8.61
C ILE C 135 -19.55 -10.87 -8.54
N ASN C 136 -20.61 -11.55 -8.94
CA ASN C 136 -21.92 -10.92 -8.98
C ASN C 136 -22.46 -10.58 -7.59
N ILE C 137 -22.29 -11.45 -6.62
CA ILE C 137 -22.81 -11.17 -5.29
C ILE C 137 -21.89 -10.17 -4.59
N ASN C 138 -20.60 -10.45 -4.56
CA ASN C 138 -19.68 -9.68 -3.71
C ASN C 138 -19.36 -8.29 -4.28
N LEU C 139 -19.10 -8.25 -5.57
CA LEU C 139 -18.65 -7.00 -6.18
C LEU C 139 -19.81 -6.25 -6.79
N LYS C 140 -20.54 -6.91 -7.69
CA LYS C 140 -21.65 -6.21 -8.36
C LYS C 140 -22.75 -5.81 -7.36
N GLY C 141 -23.05 -6.68 -6.40
CA GLY C 141 -24.03 -6.35 -5.36
C GLY C 141 -23.68 -5.11 -4.54
N THR C 142 -22.41 -4.98 -4.24
CA THR C 142 -21.93 -3.78 -3.54
C THR C 142 -22.10 -2.53 -4.41
N PHE C 143 -21.79 -2.65 -5.70
CA PHE C 143 -22.04 -1.55 -6.66
C PHE C 143 -23.54 -1.18 -6.73
N LEU C 144 -24.39 -2.20 -6.85
CA LEU C 144 -25.84 -1.97 -6.97
C LEU C 144 -26.44 -1.26 -5.79
N CYS C 145 -26.08 -1.70 -4.60
CA CYS C 145 -26.57 -1.13 -3.35
C CYS C 145 -26.01 0.28 -3.11
N THR C 146 -24.75 0.51 -3.48
CA THR C 146 -24.16 1.86 -3.46
C THR C 146 -24.88 2.82 -4.40
N LYS C 147 -25.12 2.37 -5.62
CA LYS C 147 -25.84 3.17 -6.63
C LYS C 147 -27.25 3.57 -6.11
N ALA C 148 -27.96 2.61 -5.51
CA ALA C 148 -29.33 2.82 -5.06
C ALA C 148 -29.42 3.73 -3.85
N VAL C 149 -28.40 3.73 -3.01
CA VAL C 149 -28.44 4.59 -1.83
C VAL C 149 -27.86 5.99 -2.08
N SER C 150 -27.12 6.14 -3.17
CA SER C 150 -26.35 7.37 -3.40
C SER C 150 -27.22 8.64 -3.42
N ARG C 151 -28.32 8.63 -4.14
CA ARG C 151 -29.14 9.84 -4.26
C ARG C 151 -29.72 10.30 -2.95
N THR C 152 -30.17 9.36 -2.11
CA THR C 152 -30.70 9.74 -0.83
C THR C 152 -29.62 10.36 0.04
N MET C 153 -28.43 9.76 0.02
CA MET C 153 -27.34 10.31 0.81
C MET C 153 -26.90 11.67 0.29
N MET C 154 -26.82 11.83 -1.01
CA MET C 154 -26.46 13.13 -1.57
C MET C 154 -27.46 14.23 -1.21
N LYS C 155 -28.75 13.90 -1.16
CA LYS C 155 -29.79 14.87 -0.79
C LYS C 155 -29.75 15.20 0.70
N GLN C 156 -29.45 14.20 1.52
CA GLN C 156 -29.27 14.36 2.96
C GLN C 156 -28.00 15.19 3.29
N ARG C 157 -27.06 15.22 2.35
CA ARG C 157 -25.74 15.78 2.57
C ARG C 157 -25.05 15.14 3.77
N ALA C 158 -25.28 13.84 3.96
CA ALA C 158 -24.70 13.11 5.09
C ALA C 158 -24.91 11.63 4.85
N GLY C 159 -24.00 10.81 5.33
CA GLY C 159 -24.13 9.38 5.12
C GLY C 159 -22.81 8.69 5.37
N LYS C 160 -22.90 7.41 5.73
CA LYS C 160 -21.74 6.55 5.89
C LYS C 160 -21.98 5.24 5.13
N ILE C 161 -21.02 4.86 4.29
CA ILE C 161 -21.03 3.58 3.61
C ILE C 161 -19.83 2.80 4.10
N ILE C 162 -20.08 1.58 4.56
CA ILE C 162 -19.04 0.68 4.98
C ILE C 162 -19.12 -0.60 4.15
N ASN C 163 -18.06 -0.87 3.39
CA ASN C 163 -18.02 -2.07 2.56
C ASN C 163 -17.21 -3.14 3.26
N MET C 164 -17.66 -4.38 3.17
N MET C 164 -17.68 -4.37 3.17
CA MET C 164 -16.94 -5.47 3.82
CA MET C 164 -16.95 -5.48 3.74
C MET C 164 -16.04 -6.19 2.80
C MET C 164 -16.04 -6.04 2.64
N ALA C 165 -14.75 -5.94 2.87
CA ALA C 165 -13.76 -6.54 1.99
C ALA C 165 -13.21 -7.73 2.76
N SER C 166 -11.91 -7.99 2.64
CA SER C 166 -11.22 -9.08 3.35
C SER C 166 -9.75 -8.85 3.15
N VAL C 167 -8.93 -9.17 4.14
CA VAL C 167 -7.48 -8.96 3.96
C VAL C 167 -6.90 -9.79 2.83
N VAL C 168 -7.52 -10.91 2.44
CA VAL C 168 -7.02 -11.64 1.25
C VAL C 168 -7.13 -10.83 -0.03
N GLY C 169 -8.04 -9.86 -0.07
CA GLY C 169 -8.10 -8.91 -1.17
C GLY C 169 -6.86 -8.04 -1.29
N LEU C 170 -6.11 -7.94 -0.19
CA LEU C 170 -4.88 -7.16 -0.15
C LEU C 170 -3.66 -7.97 -0.55
N ILE C 171 -3.66 -9.26 -0.23
CA ILE C 171 -2.46 -10.07 -0.42
C ILE C 171 -2.57 -11.27 -1.35
N GLY C 172 -3.80 -11.63 -1.73
CA GLY C 172 -4.04 -12.80 -2.55
C GLY C 172 -4.06 -14.05 -1.68
N ASN C 173 -4.69 -15.11 -2.18
CA ASN C 173 -4.83 -16.36 -1.43
C ASN C 173 -5.11 -17.46 -2.44
N ALA C 174 -4.24 -18.46 -2.48
CA ALA C 174 -4.42 -19.56 -3.41
C ALA C 174 -5.76 -20.27 -3.14
N GLY C 175 -6.43 -20.72 -4.18
CA GLY C 175 -7.75 -21.37 -4.02
C GLY C 175 -8.94 -20.43 -3.97
N GLN C 176 -8.67 -19.13 -3.99
CA GLN C 176 -9.70 -18.11 -3.87
C GLN C 176 -9.58 -16.98 -4.90
N ALA C 177 -9.20 -17.28 -6.14
CA ALA C 177 -9.04 -16.23 -7.15
C ALA C 177 -10.28 -15.34 -7.33
N ASN C 178 -11.46 -15.96 -7.37
CA ASN C 178 -12.72 -15.22 -7.52
C ASN C 178 -13.00 -14.33 -6.32
N TYR C 179 -12.82 -14.87 -5.13
CA TYR C 179 -13.13 -14.14 -3.92
C TYR C 179 -12.16 -12.96 -3.77
N VAL C 180 -10.88 -13.25 -3.99
CA VAL C 180 -9.83 -12.24 -3.93
C VAL C 180 -10.09 -11.13 -4.93
N ALA C 181 -10.36 -11.49 -6.19
CA ALA C 181 -10.71 -10.50 -7.20
C ALA C 181 -11.90 -9.64 -6.78
N SER C 182 -12.93 -10.27 -6.23
CA SER C 182 -14.12 -9.56 -5.84
C SER C 182 -13.82 -8.59 -4.70
N LYS C 183 -13.00 -8.99 -3.75
CA LYS C 183 -12.73 -8.16 -2.60
C LYS C 183 -11.71 -7.05 -2.84
N ALA C 184 -10.67 -7.34 -3.63
CA ALA C 184 -9.81 -6.27 -4.14
C ALA C 184 -10.65 -5.27 -4.94
N GLY C 185 -11.56 -5.80 -5.77
CA GLY C 185 -12.50 -4.98 -6.50
C GLY C 185 -13.32 -4.05 -5.62
N VAL C 186 -13.85 -4.58 -4.53
CA VAL C 186 -14.62 -3.80 -3.56
C VAL C 186 -13.82 -2.66 -2.97
N ILE C 187 -12.55 -2.92 -2.69
CA ILE C 187 -11.66 -1.91 -2.14
C ILE C 187 -11.45 -0.78 -3.17
N GLY C 188 -11.25 -1.13 -4.45
CA GLY C 188 -11.17 -0.10 -5.52
C GLY C 188 -12.48 0.68 -5.65
N LEU C 189 -13.60 -0.04 -5.58
CA LEU C 189 -14.92 0.57 -5.70
C LEU C 189 -15.17 1.55 -4.53
N THR C 190 -14.68 1.18 -3.36
CA THR C 190 -14.77 2.01 -2.14
C THR C 190 -14.09 3.38 -2.35
N LYS C 191 -12.94 3.36 -3.01
CA LYS C 191 -12.20 4.59 -3.32
C LYS C 191 -12.92 5.48 -4.31
N THR C 192 -13.40 4.93 -5.41
CA THR C 192 -14.17 5.71 -6.38
C THR C 192 -15.41 6.28 -5.73
N THR C 193 -16.11 5.46 -4.99
CA THR C 193 -17.31 5.92 -4.29
C THR C 193 -16.99 7.07 -3.36
N ALA C 194 -15.92 6.92 -2.60
CA ALA C 194 -15.51 7.96 -1.68
C ALA C 194 -15.24 9.27 -2.41
N ARG C 195 -14.60 9.20 -3.58
CA ARG C 195 -14.31 10.40 -4.37
C ARG C 195 -15.57 11.05 -4.90
N GLU C 196 -16.49 10.23 -5.41
CA GLU C 196 -17.77 10.75 -5.94
C GLU C 196 -18.69 11.36 -4.90
N LEU C 197 -18.72 10.81 -3.68
CA LEU C 197 -19.68 11.26 -2.67
C LEU C 197 -19.10 12.23 -1.62
N ALA C 198 -17.78 12.35 -1.57
CA ALA C 198 -17.11 13.24 -0.62
C ALA C 198 -17.62 14.69 -0.68
N PRO C 199 -17.90 15.20 -1.89
CA PRO C 199 -18.34 16.61 -1.92
C PRO C 199 -19.70 16.84 -1.30
N ARG C 200 -20.49 15.80 -1.08
CA ARG C 200 -21.77 15.94 -0.36
C ARG C 200 -21.67 15.45 1.09
N GLY C 201 -20.44 15.35 1.61
CA GLY C 201 -20.23 15.08 3.03
C GLY C 201 -20.47 13.64 3.48
N ILE C 202 -20.28 12.71 2.55
CA ILE C 202 -20.56 11.30 2.81
C ILE C 202 -19.22 10.56 2.96
N ASN C 203 -19.09 9.74 4.01
CA ASN C 203 -17.88 8.96 4.27
C ASN C 203 -18.06 7.55 3.71
N VAL C 204 -17.07 7.06 2.98
CA VAL C 204 -17.14 5.72 2.42
C VAL C 204 -15.83 4.98 2.72
N ASN C 205 -15.93 3.91 3.51
CA ASN C 205 -14.75 3.15 3.92
C ASN C 205 -15.00 1.66 3.79
N ALA C 206 -13.96 0.86 3.93
CA ALA C 206 -14.11 -0.59 3.92
C ALA C 206 -13.45 -1.17 5.15
N VAL C 207 -14.03 -2.25 5.67
CA VAL C 207 -13.42 -3.07 6.67
C VAL C 207 -12.90 -4.35 6.03
N ALA C 208 -11.68 -4.74 6.38
CA ALA C 208 -11.04 -5.95 5.85
C ALA C 208 -10.77 -6.94 7.00
N PRO C 209 -11.75 -7.82 7.28
CA PRO C 209 -11.48 -8.84 8.31
C PRO C 209 -10.41 -9.86 7.87
N GLY C 210 -9.66 -10.36 8.84
CA GLY C 210 -8.81 -11.51 8.64
C GLY C 210 -9.64 -12.74 8.99
N PHE C 211 -9.09 -13.64 9.79
CA PHE C 211 -9.78 -14.88 10.10
C PHE C 211 -10.61 -14.71 11.36
N ILE C 212 -11.94 -14.75 11.20
CA ILE C 212 -12.88 -14.52 12.26
C ILE C 212 -13.64 -15.83 12.58
N THR C 213 -13.88 -16.10 13.86
CA THR C 213 -14.63 -17.30 14.30
C THR C 213 -16.05 -17.20 13.77
N THR C 214 -16.37 -18.05 12.81
CA THR C 214 -17.61 -18.01 12.03
C THR C 214 -17.87 -19.43 11.51
N ASP C 215 -18.97 -19.63 10.78
CA ASP C 215 -19.21 -20.93 10.10
C ASP C 215 -18.06 -21.34 9.17
N MET C 216 -17.45 -20.36 8.49
CA MET C 216 -16.29 -20.60 7.61
C MET C 216 -15.18 -21.34 8.35
N THR C 217 -14.79 -20.84 9.52
CA THR C 217 -13.68 -21.43 10.25
C THR C 217 -14.14 -22.70 11.01
N ASP C 218 -15.44 -22.78 11.33
CA ASP C 218 -15.99 -23.97 12.00
C ASP C 218 -15.85 -25.24 11.15
N LYS C 219 -15.79 -25.09 9.83
CA LYS C 219 -15.70 -26.23 8.92
C LYS C 219 -14.27 -26.80 8.73
N LEU C 220 -13.26 -26.08 9.21
CA LEU C 220 -11.85 -26.41 8.88
C LEU C 220 -11.25 -27.49 9.77
N ASP C 221 -10.28 -28.23 9.23
CA ASP C 221 -9.59 -29.24 10.02
C ASP C 221 -8.40 -28.64 10.80
N GLU C 222 -7.86 -29.42 11.73
CA GLU C 222 -6.83 -28.95 12.66
C GLU C 222 -5.57 -28.45 11.96
N LYS C 223 -5.14 -29.16 10.92
CA LYS C 223 -3.93 -28.77 10.20
C LYS C 223 -4.12 -27.43 9.53
N THR C 224 -5.29 -27.22 8.96
CA THR C 224 -5.64 -25.98 8.28
C THR C 224 -5.74 -24.83 9.30
N LYS C 225 -6.42 -25.06 10.40
CA LYS C 225 -6.53 -24.04 11.45
C LYS C 225 -5.15 -23.67 11.97
N GLU C 226 -4.30 -24.65 12.17
CA GLU C 226 -2.97 -24.41 12.73
C GLU C 226 -2.14 -23.48 11.82
N ALA C 227 -2.18 -23.76 10.52
CA ALA C 227 -1.49 -22.94 9.52
C ALA C 227 -2.06 -21.52 9.42
N MET C 228 -3.37 -21.37 9.54
CA MET C 228 -3.99 -20.04 9.60
C MET C 228 -3.60 -19.26 10.87
N LEU C 229 -3.64 -19.91 12.02
CA LEU C 229 -3.24 -19.24 13.27
C LEU C 229 -1.79 -18.78 13.24
N ALA C 230 -0.95 -19.55 12.55
CA ALA C 230 0.46 -19.20 12.43
C ALA C 230 0.69 -17.90 11.62
N GLN C 231 -0.28 -17.49 10.80
N GLN C 231 -0.25 -17.50 10.76
CA GLN C 231 -0.18 -16.24 10.03
CA GLN C 231 -0.17 -16.22 10.02
C GLN C 231 -0.63 -15.02 10.83
C GLN C 231 -0.63 -15.01 10.83
N ILE C 232 -1.16 -15.24 12.03
CA ILE C 232 -1.75 -14.16 12.88
C ILE C 232 -0.87 -13.85 14.09
N PRO C 233 -0.20 -12.67 14.10
CA PRO C 233 0.62 -12.29 15.25
C PRO C 233 -0.08 -12.36 16.62
N LEU C 234 -1.34 -11.94 16.70
CA LEU C 234 -2.08 -12.09 17.95
C LEU C 234 -2.42 -13.56 18.33
N GLY C 235 -2.31 -14.50 17.40
CA GLY C 235 -2.33 -15.92 17.71
C GLY C 235 -3.71 -16.55 17.89
N ALA C 236 -4.74 -15.82 17.48
CA ALA C 236 -6.11 -16.24 17.68
C ALA C 236 -6.96 -15.66 16.54
N TYR C 237 -8.04 -16.37 16.22
CA TYR C 237 -9.06 -15.85 15.33
C TYR C 237 -9.74 -14.65 16.01
N GLY C 238 -10.21 -13.71 15.22
CA GLY C 238 -10.99 -12.59 15.74
C GLY C 238 -12.41 -13.03 16.02
N THR C 239 -13.20 -12.10 16.54
CA THR C 239 -14.61 -12.35 16.82
C THR C 239 -15.48 -11.47 15.96
N THR C 240 -16.74 -11.86 15.81
CA THR C 240 -17.67 -11.03 15.04
C THR C 240 -17.82 -9.67 15.71
N GLU C 241 -17.71 -9.60 17.03
CA GLU C 241 -17.82 -8.33 17.72
C GLU C 241 -16.64 -7.40 17.34
N ASP C 242 -15.47 -7.95 17.08
CA ASP C 242 -14.33 -7.12 16.63
C ASP C 242 -14.70 -6.44 15.32
N ILE C 243 -15.34 -7.18 14.42
CA ILE C 243 -15.73 -6.62 13.13
C ILE C 243 -16.85 -5.60 13.30
N ALA C 244 -17.86 -5.93 14.09
CA ALA C 244 -18.94 -4.99 14.36
C ALA C 244 -18.41 -3.71 15.00
N ASN C 245 -17.41 -3.81 15.87
CA ASN C 245 -16.88 -2.61 16.48
C ASN C 245 -16.14 -1.69 15.47
N ALA C 246 -15.57 -2.29 14.43
CA ALA C 246 -14.89 -1.51 13.37
C ALA C 246 -15.92 -0.80 12.52
N VAL C 247 -16.98 -1.51 12.20
CA VAL C 247 -18.07 -0.92 11.43
C VAL C 247 -18.72 0.24 12.20
N LEU C 248 -18.98 0.03 13.48
CA LEU C 248 -19.49 1.08 14.36
C LEU C 248 -18.62 2.33 14.36
N PHE C 249 -17.31 2.16 14.53
CA PHE C 249 -16.38 3.31 14.48
C PHE C 249 -16.57 4.07 13.17
N LEU C 250 -16.56 3.33 12.06
CA LEU C 250 -16.65 3.93 10.72
C LEU C 250 -18.05 4.43 10.35
N ALA C 251 -19.05 4.08 11.17
CA ALA C 251 -20.44 4.54 10.98
C ALA C 251 -20.77 5.79 11.80
N SER C 252 -19.84 6.18 12.68
CA SER C 252 -20.07 7.17 13.70
C SER C 252 -19.27 8.47 13.48
N ASP C 253 -19.62 9.52 14.24
CA ASP C 253 -18.92 10.81 14.20
C ASP C 253 -17.45 10.73 14.56
N ALA C 254 -17.07 9.69 15.32
CA ALA C 254 -15.69 9.47 15.71
C ALA C 254 -14.74 9.28 14.51
N SER C 255 -15.29 8.96 13.34
CA SER C 255 -14.48 8.76 12.13
C SER C 255 -14.89 9.74 11.01
N LYS C 256 -15.45 10.89 11.35
CA LYS C 256 -16.03 11.76 10.33
C LYS C 256 -15.02 12.38 9.35
N TYR C 257 -13.73 12.35 9.67
CA TYR C 257 -12.69 12.86 8.75
C TYR C 257 -11.95 11.76 8.00
N ILE C 258 -12.49 10.53 8.07
CA ILE C 258 -11.91 9.36 7.45
C ILE C 258 -12.75 8.94 6.25
N THR C 259 -12.15 8.93 5.08
CA THR C 259 -12.86 8.42 3.93
C THR C 259 -11.89 7.81 2.94
N GLY C 260 -12.39 6.82 2.21
CA GLY C 260 -11.64 6.16 1.19
C GLY C 260 -10.65 5.15 1.73
N GLN C 261 -10.76 4.80 3.01
CA GLN C 261 -9.81 3.90 3.68
C GLN C 261 -10.34 2.46 3.85
N THR C 262 -9.41 1.52 3.90
CA THR C 262 -9.67 0.14 4.27
C THR C 262 -9.06 -0.09 5.64
N LEU C 263 -9.88 -0.50 6.59
CA LEU C 263 -9.42 -0.79 7.93
C LEU C 263 -9.28 -2.32 8.11
N SER C 264 -8.05 -2.80 8.23
CA SER C 264 -7.82 -4.23 8.43
C SER C 264 -7.97 -4.64 9.90
N VAL C 265 -8.80 -5.64 10.15
CA VAL C 265 -9.09 -6.12 11.51
C VAL C 265 -8.75 -7.60 11.48
N ASP C 266 -7.47 -7.89 11.65
CA ASP C 266 -6.91 -9.18 11.28
C ASP C 266 -5.82 -9.72 12.21
N GLY C 267 -5.72 -9.13 13.40
CA GLY C 267 -4.73 -9.56 14.38
C GLY C 267 -3.29 -9.38 13.96
N GLY C 268 -3.03 -8.53 12.97
CA GLY C 268 -1.68 -8.33 12.47
C GLY C 268 -1.34 -9.12 11.23
N MET C 269 -2.28 -9.89 10.69
CA MET C 269 -1.95 -10.75 9.56
C MET C 269 -1.35 -9.99 8.38
N VAL C 270 -1.93 -8.85 8.02
CA VAL C 270 -1.41 -8.01 6.94
C VAL C 270 -1.04 -6.66 7.53
N MET C 271 0.24 -6.31 7.45
CA MET C 271 0.73 -4.98 7.90
C MET C 271 1.31 -4.19 6.74
N MET D 25 18.97 -10.08 -27.97
CA MET D 25 17.69 -10.81 -28.22
C MET D 25 17.20 -11.55 -26.97
N THR D 26 16.68 -10.80 -26.02
CA THR D 26 16.29 -11.31 -24.71
C THR D 26 15.25 -12.46 -24.73
N LEU D 27 14.40 -12.50 -25.76
CA LEU D 27 13.31 -13.47 -25.82
C LEU D 27 13.39 -14.42 -27.01
N GLN D 28 14.61 -14.67 -27.50
CA GLN D 28 14.75 -15.47 -28.70
C GLN D 28 14.13 -16.84 -28.49
N GLY D 29 13.27 -17.26 -29.40
CA GLY D 29 12.65 -18.57 -29.30
C GLY D 29 11.36 -18.61 -28.48
N LYS D 30 11.00 -17.52 -27.82
CA LYS D 30 9.80 -17.50 -26.96
C LYS D 30 8.57 -17.25 -27.78
N VAL D 31 7.44 -17.68 -27.25
CA VAL D 31 6.15 -17.41 -27.86
C VAL D 31 5.36 -16.58 -26.85
N ALA D 32 4.90 -15.40 -27.31
CA ALA D 32 4.12 -14.51 -26.47
C ALA D 32 2.72 -14.36 -27.00
N VAL D 33 1.73 -14.56 -26.12
CA VAL D 33 0.35 -14.26 -26.43
C VAL D 33 0.01 -12.90 -25.87
N VAL D 34 -0.54 -12.05 -26.71
CA VAL D 34 -0.97 -10.71 -26.33
C VAL D 34 -2.45 -10.53 -26.62
N THR D 35 -3.25 -10.29 -25.58
CA THR D 35 -4.64 -9.91 -25.77
C THR D 35 -4.72 -8.40 -26.01
N GLY D 36 -5.60 -8.01 -26.90
CA GLY D 36 -5.78 -6.60 -27.26
C GLY D 36 -4.61 -6.06 -28.05
N GLY D 37 -4.08 -6.89 -28.94
CA GLY D 37 -2.88 -6.53 -29.70
C GLY D 37 -3.09 -5.73 -30.97
N SER D 38 -4.33 -5.48 -31.36
CA SER D 38 -4.61 -4.85 -32.65
C SER D 38 -4.31 -3.35 -32.72
N ARG D 39 -4.33 -2.66 -31.57
CA ARG D 39 -4.03 -1.23 -31.54
C ARG D 39 -3.41 -0.79 -30.21
N GLY D 40 -2.90 0.44 -30.19
CA GLY D 40 -2.51 1.12 -28.98
C GLY D 40 -1.37 0.47 -28.22
N ILE D 41 -1.51 0.44 -26.90
CA ILE D 41 -0.49 -0.14 -26.04
C ILE D 41 -0.23 -1.61 -26.41
N GLY D 42 -1.29 -2.36 -26.73
CA GLY D 42 -1.11 -3.79 -27.03
C GLY D 42 -0.31 -4.00 -28.30
N ARG D 43 -0.56 -3.17 -29.30
CA ARG D 43 0.24 -3.19 -30.54
C ARG D 43 1.70 -2.95 -30.23
N ASP D 44 1.97 -1.94 -29.40
CA ASP D 44 3.35 -1.60 -29.09
C ASP D 44 4.01 -2.61 -28.19
N ILE D 45 3.25 -3.25 -27.30
CA ILE D 45 3.77 -4.40 -26.57
C ILE D 45 4.19 -5.53 -27.52
N ALA D 46 3.30 -5.91 -28.43
CA ALA D 46 3.58 -6.96 -29.40
C ALA D 46 4.84 -6.65 -30.26
N ILE D 47 4.96 -5.43 -30.72
CA ILE D 47 6.14 -5.03 -31.51
C ILE D 47 7.43 -5.12 -30.69
N ASN D 48 7.37 -4.63 -29.45
CA ASN D 48 8.54 -4.63 -28.56
C ASN D 48 9.00 -6.04 -28.20
N LEU D 49 8.04 -6.94 -27.94
CA LEU D 49 8.37 -8.33 -27.66
C LEU D 49 9.00 -8.99 -28.92
N ALA D 50 8.43 -8.69 -30.08
CA ALA D 50 8.99 -9.15 -31.36
C ALA D 50 10.43 -8.65 -31.57
N LYS D 51 10.68 -7.40 -31.24
CA LYS D 51 12.01 -6.83 -31.37
C LYS D 51 13.03 -7.61 -30.52
N GLU D 52 12.57 -8.28 -29.46
CA GLU D 52 13.45 -9.09 -28.62
C GLU D 52 13.44 -10.57 -29.01
N GLY D 53 12.73 -10.88 -30.09
CA GLY D 53 12.80 -12.18 -30.76
C GLY D 53 11.61 -13.09 -30.52
N ALA D 54 10.58 -12.61 -29.82
CA ALA D 54 9.44 -13.48 -29.49
C ALA D 54 8.50 -13.58 -30.68
N ASN D 55 8.06 -14.80 -30.98
CA ASN D 55 6.91 -15.00 -31.85
C ASN D 55 5.63 -14.56 -31.14
N ILE D 56 4.72 -13.96 -31.87
CA ILE D 56 3.55 -13.30 -31.30
C ILE D 56 2.25 -13.93 -31.79
N PHE D 57 1.37 -14.27 -30.87
CA PHE D 57 0.01 -14.64 -31.20
C PHE D 57 -0.91 -13.66 -30.50
N PHE D 58 -1.76 -12.98 -31.24
CA PHE D 58 -2.61 -11.99 -30.60
C PHE D 58 -4.03 -12.01 -31.12
N ASN D 59 -4.95 -11.47 -30.33
CA ASN D 59 -6.34 -11.44 -30.75
C ASN D 59 -6.78 -10.06 -31.18
N TYR D 60 -7.88 -10.06 -31.94
CA TYR D 60 -8.64 -8.87 -32.20
C TYR D 60 -10.10 -9.26 -32.00
N ASN D 61 -10.97 -8.27 -31.85
CA ASN D 61 -12.38 -8.57 -31.69
C ASN D 61 -13.24 -7.86 -32.72
N GLY D 62 -13.01 -6.56 -32.92
CA GLY D 62 -13.76 -5.78 -33.90
C GLY D 62 -12.90 -4.93 -34.82
N SER D 63 -11.67 -5.34 -35.06
CA SER D 63 -10.74 -4.55 -35.87
C SER D 63 -9.77 -5.41 -36.67
N PRO D 64 -10.27 -6.17 -37.67
CA PRO D 64 -9.39 -7.04 -38.47
C PRO D 64 -8.31 -6.27 -39.27
N GLU D 65 -8.67 -5.10 -39.78
CA GLU D 65 -7.73 -4.25 -40.52
C GLU D 65 -6.59 -3.77 -39.62
N ALA D 66 -6.90 -3.37 -38.39
CA ALA D 66 -5.88 -2.95 -37.44
C ALA D 66 -4.99 -4.13 -37.10
N ALA D 67 -5.60 -5.30 -36.89
CA ALA D 67 -4.84 -6.51 -36.63
C ALA D 67 -3.83 -6.80 -37.72
N GLU D 68 -4.23 -6.66 -38.98
CA GLU D 68 -3.28 -6.90 -40.08
C GLU D 68 -2.14 -5.89 -40.13
N GLU D 69 -2.40 -4.63 -39.75
CA GLU D 69 -1.33 -3.64 -39.60
C GLU D 69 -0.33 -4.04 -38.53
N THR D 70 -0.84 -4.44 -37.36
CA THR D 70 0.03 -4.95 -36.29
C THR D 70 0.89 -6.11 -36.75
N ALA D 71 0.26 -7.09 -37.40
CA ALA D 71 0.96 -8.27 -37.89
C ALA D 71 2.16 -7.88 -38.76
N LYS D 72 1.93 -6.94 -39.67
CA LYS D 72 2.99 -6.48 -40.57
C LYS D 72 4.15 -5.83 -39.81
N LEU D 73 3.81 -4.95 -38.87
CA LEU D 73 4.82 -4.30 -38.01
C LEU D 73 5.59 -5.30 -37.17
N VAL D 74 4.93 -6.35 -36.70
CA VAL D 74 5.62 -7.40 -35.94
C VAL D 74 6.56 -8.21 -36.83
N ALA D 75 6.05 -8.64 -37.98
CA ALA D 75 6.81 -9.48 -38.89
C ALA D 75 8.09 -8.81 -39.39
N GLU D 76 8.07 -7.48 -39.50
CA GLU D 76 9.27 -6.72 -39.87
C GLU D 76 10.46 -6.94 -38.97
N HIS D 77 10.23 -7.48 -37.78
CA HIS D 77 11.30 -7.72 -36.85
C HIS D 77 11.88 -9.11 -36.97
N GLY D 78 11.38 -9.88 -37.94
CA GLY D 78 11.96 -11.17 -38.27
C GLY D 78 11.32 -12.34 -37.58
N VAL D 79 10.27 -12.11 -36.79
CA VAL D 79 9.62 -13.20 -36.06
C VAL D 79 8.35 -13.60 -36.77
N GLU D 80 7.72 -14.66 -36.28
CA GLU D 80 6.42 -15.08 -36.80
C GLU D 80 5.29 -14.51 -35.95
N VAL D 81 4.14 -14.32 -36.58
CA VAL D 81 3.02 -13.66 -35.96
C VAL D 81 1.73 -14.24 -36.54
N GLU D 82 0.72 -14.37 -35.69
CA GLU D 82 -0.62 -14.69 -36.18
C GLU D 82 -1.64 -13.95 -35.33
N ALA D 83 -2.69 -13.46 -35.98
CA ALA D 83 -3.77 -12.75 -35.34
C ALA D 83 -4.99 -13.64 -35.42
N MET D 84 -5.81 -13.65 -34.39
CA MET D 84 -7.03 -14.44 -34.42
C MET D 84 -8.16 -13.68 -33.74
N LYS D 85 -9.36 -13.71 -34.32
CA LYS D 85 -10.53 -13.07 -33.74
C LYS D 85 -10.97 -13.80 -32.46
N ALA D 86 -11.09 -13.08 -31.35
CA ALA D 86 -11.57 -13.68 -30.08
C ALA D 86 -12.04 -12.63 -29.10
N ASN D 87 -13.20 -12.89 -28.49
CA ASN D 87 -13.71 -12.07 -27.38
C ASN D 87 -13.29 -12.67 -26.04
N VAL D 88 -12.42 -11.97 -25.30
CA VAL D 88 -11.87 -12.52 -24.04
C VAL D 88 -12.90 -12.68 -22.93
N ALA D 89 -14.05 -12.06 -23.06
CA ALA D 89 -15.16 -12.24 -22.13
C ALA D 89 -15.89 -13.57 -22.32
N ILE D 90 -15.66 -14.24 -23.46
CA ILE D 90 -16.42 -15.44 -23.83
C ILE D 90 -15.53 -16.69 -23.72
N ALA D 91 -15.89 -17.56 -22.78
CA ALA D 91 -15.11 -18.75 -22.43
C ALA D 91 -14.80 -19.63 -23.62
N GLU D 92 -15.79 -19.82 -24.49
CA GLU D 92 -15.61 -20.62 -25.70
C GLU D 92 -14.58 -19.99 -26.67
N ASP D 93 -14.61 -18.65 -26.82
CA ASP D 93 -13.64 -17.95 -27.69
C ASP D 93 -12.22 -18.08 -27.12
N VAL D 94 -12.10 -17.93 -25.81
CA VAL D 94 -10.81 -18.04 -25.13
C VAL D 94 -10.24 -19.45 -25.28
N ASP D 95 -11.09 -20.46 -25.08
CA ASP D 95 -10.60 -21.85 -25.25
C ASP D 95 -10.04 -22.06 -26.67
N ALA D 96 -10.78 -21.60 -27.67
CA ALA D 96 -10.37 -21.77 -29.07
C ALA D 96 -9.09 -20.99 -29.39
N PHE D 97 -8.99 -19.79 -28.83
CA PHE D 97 -7.83 -18.93 -29.04
C PHE D 97 -6.53 -19.58 -28.58
N PHE D 98 -6.53 -20.08 -27.36
CA PHE D 98 -5.37 -20.76 -26.82
C PHE D 98 -5.08 -22.11 -27.46
N LYS D 99 -6.13 -22.83 -27.83
CA LYS D 99 -5.98 -24.05 -28.66
C LYS D 99 -5.21 -23.74 -29.93
N GLN D 100 -5.63 -22.69 -30.65
CA GLN D 100 -5.01 -22.32 -31.89
C GLN D 100 -3.56 -21.81 -31.68
N ALA D 101 -3.33 -21.05 -30.59
CA ALA D 101 -1.98 -20.61 -30.26
C ALA D 101 -1.00 -21.77 -30.13
N ILE D 102 -1.43 -22.81 -29.43
CA ILE D 102 -0.60 -24.00 -29.24
C ILE D 102 -0.43 -24.77 -30.57
N GLU D 103 -1.49 -24.89 -31.35
CA GLU D 103 -1.40 -25.53 -32.69
C GLU D 103 -0.42 -24.78 -33.58
N ARG D 104 -0.45 -23.47 -33.51
CA ARG D 104 0.43 -22.65 -34.35
C ARG D 104 1.88 -22.61 -33.84
N PHE D 105 2.09 -22.41 -32.54
CA PHE D 105 3.45 -22.16 -32.07
C PHE D 105 3.99 -23.21 -31.13
N GLY D 106 3.18 -24.18 -30.73
CA GLY D 106 3.64 -25.33 -29.91
C GLY D 106 3.69 -25.13 -28.41
N ARG D 107 3.68 -23.88 -27.97
CA ARG D 107 3.80 -23.58 -26.54
C ARG D 107 3.45 -22.13 -26.34
N VAL D 108 3.22 -21.74 -25.10
CA VAL D 108 3.08 -20.35 -24.72
C VAL D 108 4.01 -20.07 -23.55
N ASP D 109 4.96 -19.15 -23.74
CA ASP D 109 5.93 -18.77 -22.72
C ASP D 109 5.53 -17.50 -22.00
N ILE D 110 4.82 -16.60 -22.68
CA ILE D 110 4.47 -15.30 -22.11
C ILE D 110 3.01 -15.03 -22.40
N LEU D 111 2.24 -14.61 -21.42
CA LEU D 111 0.89 -14.10 -21.68
C LEU D 111 0.82 -12.67 -21.14
N VAL D 112 0.39 -11.74 -21.98
CA VAL D 112 0.12 -10.37 -21.60
C VAL D 112 -1.39 -10.15 -21.72
N ASN D 113 -2.05 -9.97 -20.60
CA ASN D 113 -3.48 -9.68 -20.55
C ASN D 113 -3.72 -8.17 -20.63
N ASN D 114 -3.82 -7.68 -21.85
CA ASN D 114 -3.91 -6.26 -22.12
C ASN D 114 -5.29 -5.82 -22.59
N ALA D 115 -6.13 -6.74 -23.09
CA ALA D 115 -7.46 -6.36 -23.52
C ALA D 115 -8.24 -5.66 -22.41
N GLY D 116 -8.80 -4.50 -22.72
CA GLY D 116 -9.59 -3.75 -21.76
C GLY D 116 -10.37 -2.65 -22.44
N ILE D 117 -11.47 -2.24 -21.81
CA ILE D 117 -12.34 -1.16 -22.29
C ILE D 117 -12.74 -0.26 -21.11
N THR D 118 -13.33 0.90 -21.42
CA THR D 118 -13.92 1.80 -20.43
C THR D 118 -15.35 2.12 -20.88
N ARG D 119 -16.24 2.31 -19.91
CA ARG D 119 -17.61 2.79 -20.18
C ARG D 119 -17.91 3.68 -18.99
N ASP D 120 -17.37 4.89 -19.04
CA ASP D 120 -17.37 5.83 -17.92
C ASP D 120 -18.75 6.42 -17.69
N ASN D 121 -19.02 6.73 -16.43
CA ASN D 121 -20.22 7.43 -15.98
C ASN D 121 -20.14 7.63 -14.48
N LEU D 122 -20.76 8.70 -13.99
CA LEU D 122 -20.97 8.81 -12.55
C LEU D 122 -21.70 7.56 -12.06
N LEU D 123 -21.28 7.07 -10.91
CA LEU D 123 -21.76 5.82 -10.35
C LEU D 123 -23.29 5.81 -10.17
N MET D 124 -23.88 6.92 -9.72
CA MET D 124 -25.34 6.99 -9.55
C MET D 124 -26.11 6.74 -10.87
N ARG D 125 -25.46 7.06 -11.98
CA ARG D 125 -26.05 6.95 -13.33
C ARG D 125 -25.54 5.77 -14.16
N MET D 126 -24.55 5.04 -13.66
CA MET D 126 -23.92 3.97 -14.42
C MET D 126 -24.91 2.83 -14.63
N LYS D 127 -25.08 2.44 -15.89
CA LYS D 127 -26.03 1.40 -16.26
C LYS D 127 -25.44 0.02 -15.95
N GLU D 128 -26.33 -0.93 -15.72
CA GLU D 128 -25.92 -2.29 -15.39
C GLU D 128 -25.07 -2.88 -16.51
N ASP D 129 -25.46 -2.61 -17.76
CA ASP D 129 -24.68 -3.01 -18.94
C ASP D 129 -23.27 -2.41 -18.96
N GLU D 130 -23.15 -1.12 -18.61
CA GLU D 130 -21.83 -0.47 -18.59
C GLU D 130 -20.93 -1.11 -17.55
N TRP D 131 -21.51 -1.44 -16.41
CA TRP D 131 -20.81 -2.17 -15.36
C TRP D 131 -20.38 -3.54 -15.86
N ASP D 132 -21.35 -4.33 -16.34
CA ASP D 132 -21.10 -5.72 -16.73
C ASP D 132 -20.09 -5.83 -17.86
N ASP D 133 -20.19 -4.98 -18.86
CA ASP D 133 -19.30 -5.10 -20.02
C ASP D 133 -17.82 -4.90 -19.60
N VAL D 134 -17.59 -3.92 -18.73
CA VAL D 134 -16.25 -3.56 -18.30
C VAL D 134 -15.70 -4.65 -17.37
N ILE D 135 -16.51 -5.13 -16.43
CA ILE D 135 -16.08 -6.21 -15.54
C ILE D 135 -15.81 -7.48 -16.37
N ASN D 136 -16.66 -7.78 -17.33
CA ASN D 136 -16.51 -9.05 -18.05
C ASN D 136 -15.31 -9.06 -18.97
N ILE D 137 -15.03 -7.94 -19.63
CA ILE D 137 -13.86 -7.88 -20.53
C ILE D 137 -12.57 -7.76 -19.72
N ASN D 138 -12.54 -6.80 -18.81
CA ASN D 138 -11.29 -6.46 -18.15
C ASN D 138 -10.90 -7.46 -17.09
N LEU D 139 -11.86 -7.92 -16.30
CA LEU D 139 -11.53 -8.74 -15.17
C LEU D 139 -11.78 -10.21 -15.48
N LYS D 140 -13.00 -10.56 -15.89
CA LYS D 140 -13.28 -11.95 -16.26
C LYS D 140 -12.38 -12.42 -17.41
N GLY D 141 -12.13 -11.55 -18.38
CA GLY D 141 -11.27 -11.91 -19.52
C GLY D 141 -9.86 -12.27 -19.09
N THR D 142 -9.32 -11.48 -18.15
CA THR D 142 -8.02 -11.78 -17.54
C THR D 142 -8.05 -13.12 -16.80
N PHE D 143 -9.12 -13.39 -16.06
CA PHE D 143 -9.28 -14.70 -15.42
C PHE D 143 -9.29 -15.83 -16.45
N LEU D 144 -10.14 -15.71 -17.47
CA LEU D 144 -10.29 -16.76 -18.46
C LEU D 144 -8.99 -17.08 -19.19
N CYS D 145 -8.27 -16.04 -19.60
CA CYS D 145 -7.02 -16.22 -20.32
C CYS D 145 -5.96 -16.83 -19.40
N THR D 146 -5.91 -16.39 -18.14
CA THR D 146 -5.01 -16.95 -17.18
C THR D 146 -5.31 -18.43 -16.95
N LYS D 147 -6.59 -18.73 -16.75
CA LYS D 147 -7.02 -20.13 -16.59
C LYS D 147 -6.59 -20.95 -17.81
N ALA D 148 -6.77 -20.41 -19.01
CA ALA D 148 -6.49 -21.18 -20.22
C ALA D 148 -5.00 -21.51 -20.34
N VAL D 149 -4.14 -20.58 -19.94
CA VAL D 149 -2.71 -20.74 -20.19
C VAL D 149 -2.09 -21.56 -19.05
N SER D 150 -2.76 -21.64 -17.91
CA SER D 150 -2.14 -22.15 -16.69
C SER D 150 -1.61 -23.61 -16.76
N ARG D 151 -2.40 -24.52 -17.32
CA ARG D 151 -1.94 -25.93 -17.38
C ARG D 151 -0.74 -26.09 -18.30
N THR D 152 -0.75 -25.38 -19.41
CA THR D 152 0.39 -25.35 -20.32
C THR D 152 1.67 -24.86 -19.63
N MET D 153 1.59 -23.76 -18.87
CA MET D 153 2.77 -23.24 -18.21
C MET D 153 3.22 -24.13 -17.07
N MET D 154 2.25 -24.69 -16.34
CA MET D 154 2.55 -25.63 -15.25
C MET D 154 3.31 -26.85 -15.76
N LYS D 155 2.88 -27.39 -16.90
CA LYS D 155 3.53 -28.53 -17.55
C LYS D 155 4.95 -28.14 -17.96
N GLN D 156 5.11 -26.97 -18.55
CA GLN D 156 6.43 -26.44 -18.94
C GLN D 156 7.33 -26.15 -17.75
N ARG D 157 6.74 -25.93 -16.58
CA ARG D 157 7.50 -25.46 -15.41
C ARG D 157 8.22 -24.14 -15.69
N ALA D 158 7.58 -23.27 -16.46
CA ALA D 158 8.14 -21.97 -16.77
C ALA D 158 7.05 -21.15 -17.44
N GLY D 159 7.11 -19.84 -17.28
CA GLY D 159 6.15 -18.95 -17.91
C GLY D 159 6.13 -17.59 -17.24
N LYS D 160 5.64 -16.59 -17.98
CA LYS D 160 5.47 -15.24 -17.44
C LYS D 160 4.09 -14.76 -17.80
N ILE D 161 3.36 -14.22 -16.83
CA ILE D 161 2.07 -13.62 -17.11
C ILE D 161 2.22 -12.16 -16.64
N ILE D 162 1.80 -11.23 -17.47
CA ILE D 162 1.82 -9.81 -17.16
C ILE D 162 0.39 -9.29 -17.42
N ASN D 163 -0.25 -8.83 -16.36
CA ASN D 163 -1.59 -8.30 -16.42
C ASN D 163 -1.53 -6.81 -16.50
N MET D 164 -2.38 -6.22 -17.32
CA MET D 164 -2.39 -4.78 -17.45
C MET D 164 -3.45 -4.23 -16.52
N ALA D 165 -3.05 -3.44 -15.53
CA ALA D 165 -3.98 -2.79 -14.64
C ALA D 165 -3.98 -1.28 -14.98
N SER D 166 -3.92 -0.42 -13.97
CA SER D 166 -3.98 1.03 -14.18
C SER D 166 -3.77 1.63 -12.81
N VAL D 167 -3.11 2.79 -12.74
CA VAL D 167 -2.95 3.42 -11.43
C VAL D 167 -4.29 3.81 -10.80
N VAL D 168 -5.37 3.98 -11.59
CA VAL D 168 -6.68 4.28 -10.99
C VAL D 168 -7.22 3.09 -10.21
N GLY D 169 -6.72 1.90 -10.51
CA GLY D 169 -6.95 0.72 -9.68
C GLY D 169 -6.40 0.85 -8.28
N LEU D 170 -5.37 1.69 -8.12
CA LEU D 170 -4.73 1.88 -6.82
C LEU D 170 -5.38 2.98 -5.97
N ILE D 171 -5.88 4.03 -6.61
CA ILE D 171 -6.31 5.23 -5.89
C ILE D 171 -7.78 5.60 -6.09
N GLY D 172 -8.45 4.95 -7.02
CA GLY D 172 -9.80 5.31 -7.35
C GLY D 172 -9.85 6.49 -8.30
N ASN D 173 -11.01 6.67 -8.94
CA ASN D 173 -11.19 7.78 -9.87
C ASN D 173 -12.67 8.01 -10.09
N ALA D 174 -13.15 9.22 -9.82
CA ALA D 174 -14.55 9.59 -10.05
C ALA D 174 -14.93 9.32 -11.50
N GLY D 175 -16.10 8.74 -11.70
CA GLY D 175 -16.63 8.48 -13.05
C GLY D 175 -16.24 7.15 -13.65
N GLN D 176 -15.41 6.38 -12.96
CA GLN D 176 -14.91 5.12 -13.46
C GLN D 176 -15.05 3.97 -12.45
N ALA D 177 -16.16 3.94 -11.71
CA ALA D 177 -16.38 2.85 -10.76
C ALA D 177 -16.12 1.44 -11.33
N ASN D 178 -16.66 1.18 -12.53
CA ASN D 178 -16.50 -0.10 -13.18
C ASN D 178 -15.03 -0.40 -13.57
N TYR D 179 -14.37 0.57 -14.17
CA TYR D 179 -13.00 0.40 -14.58
C TYR D 179 -12.04 0.21 -13.42
N VAL D 180 -12.21 1.04 -12.38
CA VAL D 180 -11.45 0.95 -11.17
C VAL D 180 -11.66 -0.41 -10.48
N ALA D 181 -12.90 -0.80 -10.27
CA ALA D 181 -13.21 -2.11 -9.70
C ALA D 181 -12.54 -3.22 -10.52
N SER D 182 -12.62 -3.14 -11.83
CA SER D 182 -12.03 -4.17 -12.67
C SER D 182 -10.52 -4.23 -12.54
N LYS D 183 -9.86 -3.07 -12.47
CA LYS D 183 -8.40 -3.05 -12.45
C LYS D 183 -7.86 -3.37 -11.07
N ALA D 184 -8.52 -2.89 -10.00
CA ALA D 184 -8.18 -3.30 -8.64
C ALA D 184 -8.40 -4.80 -8.51
N GLY D 185 -9.48 -5.30 -9.13
CA GLY D 185 -9.74 -6.74 -9.21
C GLY D 185 -8.61 -7.50 -9.89
N VAL D 186 -8.12 -6.96 -11.00
CA VAL D 186 -6.98 -7.55 -11.71
C VAL D 186 -5.74 -7.63 -10.83
N ILE D 187 -5.46 -6.56 -10.09
CA ILE D 187 -4.34 -6.57 -9.16
C ILE D 187 -4.46 -7.70 -8.12
N GLY D 188 -5.64 -7.87 -7.54
CA GLY D 188 -5.84 -8.97 -6.61
C GLY D 188 -5.68 -10.33 -7.28
N LEU D 189 -6.28 -10.49 -8.45
CA LEU D 189 -6.15 -11.71 -9.23
C LEU D 189 -4.70 -12.03 -9.59
N THR D 190 -3.92 -10.99 -9.89
CA THR D 190 -2.49 -11.15 -10.12
C THR D 190 -1.79 -11.82 -8.94
N LYS D 191 -2.10 -11.36 -7.74
CA LYS D 191 -1.50 -11.91 -6.53
C LYS D 191 -1.91 -13.36 -6.25
N THR D 192 -3.18 -13.68 -6.39
CA THR D 192 -3.63 -15.07 -6.23
C THR D 192 -2.98 -15.98 -7.28
N THR D 193 -2.90 -15.50 -8.50
CA THR D 193 -2.29 -16.26 -9.58
C THR D 193 -0.82 -16.53 -9.29
N ALA D 194 -0.11 -15.49 -8.88
CA ALA D 194 1.29 -15.61 -8.51
C ALA D 194 1.48 -16.69 -7.46
N ARG D 195 0.60 -16.69 -6.46
CA ARG D 195 0.69 -17.71 -5.40
C ARG D 195 0.46 -19.14 -5.90
N GLU D 196 -0.54 -19.33 -6.75
CA GLU D 196 -0.88 -20.66 -7.28
C GLU D 196 0.17 -21.19 -8.25
N LEU D 197 0.83 -20.30 -9.00
CA LEU D 197 1.74 -20.74 -10.04
C LEU D 197 3.23 -20.70 -9.64
N ALA D 198 3.55 -20.05 -8.53
CA ALA D 198 4.94 -19.94 -8.07
C ALA D 198 5.63 -21.29 -7.83
N PRO D 199 4.93 -22.29 -7.30
CA PRO D 199 5.62 -23.59 -7.08
C PRO D 199 6.12 -24.27 -8.37
N ARG D 200 5.54 -23.93 -9.52
CA ARG D 200 6.03 -24.39 -10.82
C ARG D 200 6.90 -23.36 -11.60
N GLY D 201 7.44 -22.36 -10.90
CA GLY D 201 8.42 -21.44 -11.51
C GLY D 201 7.86 -20.39 -12.47
N ILE D 202 6.58 -20.07 -12.33
CA ILE D 202 5.92 -19.12 -13.22
C ILE D 202 5.80 -17.76 -12.51
N ASN D 203 6.23 -16.70 -13.18
CA ASN D 203 6.15 -15.34 -12.63
C ASN D 203 4.85 -14.70 -13.06
N VAL D 204 4.20 -13.98 -12.14
CA VAL D 204 2.94 -13.32 -12.49
C VAL D 204 2.94 -11.92 -11.88
N ASN D 205 2.87 -10.91 -12.75
CA ASN D 205 2.97 -9.53 -12.33
C ASN D 205 2.00 -8.67 -13.10
N ALA D 206 1.87 -7.43 -12.66
CA ALA D 206 0.99 -6.46 -13.30
C ALA D 206 1.74 -5.15 -13.56
N VAL D 207 1.39 -4.49 -14.66
CA VAL D 207 1.86 -3.13 -14.97
C VAL D 207 0.67 -2.20 -14.87
N ALA D 208 0.87 -1.05 -14.21
CA ALA D 208 -0.19 -0.08 -13.96
C ALA D 208 0.18 1.22 -14.65
N PRO D 209 -0.24 1.42 -15.90
CA PRO D 209 0.02 2.70 -16.58
C PRO D 209 -0.71 3.85 -15.92
N GLY D 210 -0.09 5.03 -15.97
CA GLY D 210 -0.73 6.29 -15.66
C GLY D 210 -1.32 6.87 -16.93
N PHE D 211 -1.08 8.16 -17.19
CA PHE D 211 -1.55 8.79 -18.41
C PHE D 211 -0.53 8.62 -19.52
N ILE D 212 -0.95 7.93 -20.58
CA ILE D 212 -0.10 7.57 -21.70
C ILE D 212 -0.70 8.15 -22.97
N THR D 213 0.17 8.75 -23.79
CA THR D 213 -0.22 9.31 -25.08
C THR D 213 -0.62 8.20 -26.04
N THR D 214 -1.86 8.27 -26.52
CA THR D 214 -2.39 7.35 -27.53
C THR D 214 -3.34 8.11 -28.47
N ASP D 215 -4.01 7.37 -29.36
CA ASP D 215 -5.14 7.90 -30.11
C ASP D 215 -6.27 8.33 -29.15
N MET D 216 -6.53 7.52 -28.12
CA MET D 216 -7.59 7.80 -27.13
C MET D 216 -7.40 9.11 -26.35
N THR D 217 -6.16 9.57 -26.19
CA THR D 217 -5.88 10.82 -25.48
C THR D 217 -5.70 12.00 -26.44
N ASP D 218 -4.99 11.77 -27.54
CA ASP D 218 -4.67 12.83 -28.51
C ASP D 218 -5.87 13.19 -29.36
N GLU D 222 -8.17 19.25 -24.28
CA GLU D 222 -9.10 20.05 -23.50
C GLU D 222 -8.39 20.76 -22.33
N LYS D 223 -9.18 21.28 -21.39
CA LYS D 223 -8.67 21.72 -20.08
C LYS D 223 -8.43 20.49 -19.20
N THR D 224 -9.06 19.37 -19.59
CA THR D 224 -8.84 18.07 -18.96
C THR D 224 -7.36 17.64 -19.04
N LYS D 225 -6.70 17.94 -20.15
CA LYS D 225 -5.27 17.60 -20.31
C LYS D 225 -4.37 18.38 -19.36
N GLU D 226 -4.62 19.68 -19.20
CA GLU D 226 -3.82 20.52 -18.29
C GLU D 226 -3.97 20.10 -16.82
N ALA D 227 -5.16 19.62 -16.47
CA ALA D 227 -5.45 19.20 -15.09
C ALA D 227 -4.79 17.85 -14.82
N MET D 228 -4.81 16.96 -15.82
CA MET D 228 -4.11 15.69 -15.76
C MET D 228 -2.59 15.88 -15.61
N LEU D 229 -1.99 16.75 -16.42
CA LEU D 229 -0.55 17.03 -16.33
C LEU D 229 -0.12 17.52 -14.96
N ALA D 230 -0.94 18.35 -14.34
CA ALA D 230 -0.66 18.83 -13.00
C ALA D 230 -0.60 17.69 -11.95
N GLN D 231 -1.16 16.53 -12.26
CA GLN D 231 -1.04 15.37 -11.37
C GLN D 231 0.25 14.52 -11.54
N ILE D 232 1.11 14.87 -12.51
CA ILE D 232 2.28 14.04 -12.87
C ILE D 232 3.58 14.77 -12.56
N PRO D 233 4.35 14.30 -11.57
CA PRO D 233 5.61 14.95 -11.26
C PRO D 233 6.56 15.15 -12.44
N LEU D 234 6.67 14.17 -13.34
CA LEU D 234 7.54 14.34 -14.52
C LEU D 234 7.00 15.34 -15.52
N GLY D 235 5.72 15.70 -15.41
CA GLY D 235 5.17 16.85 -16.14
C GLY D 235 4.73 16.56 -17.57
N ALA D 236 4.66 15.28 -17.94
CA ALA D 236 4.27 14.90 -19.27
C ALA D 236 3.59 13.55 -19.25
N TYR D 237 2.71 13.30 -20.23
CA TYR D 237 2.18 11.97 -20.47
C TYR D 237 3.33 11.04 -20.85
N GLY D 238 3.20 9.77 -20.49
CA GLY D 238 4.14 8.74 -20.95
C GLY D 238 3.84 8.25 -22.36
N THR D 239 4.66 7.33 -22.84
CA THR D 239 4.51 6.76 -24.19
C THR D 239 4.14 5.30 -24.11
N THR D 240 3.56 4.78 -25.18
CA THR D 240 3.27 3.35 -25.23
C THR D 240 4.57 2.54 -25.17
N GLU D 241 5.67 3.10 -25.64
CA GLU D 241 6.96 2.43 -25.48
C GLU D 241 7.39 2.27 -24.01
N ASP D 242 7.12 3.27 -23.16
CA ASP D 242 7.37 3.15 -21.70
C ASP D 242 6.66 1.92 -21.10
N ILE D 243 5.40 1.72 -21.47
CA ILE D 243 4.61 0.58 -20.99
C ILE D 243 5.17 -0.73 -21.55
N ALA D 244 5.41 -0.76 -22.87
CA ALA D 244 6.02 -1.93 -23.50
C ALA D 244 7.35 -2.32 -22.87
N ASN D 245 8.18 -1.33 -22.54
CA ASN D 245 9.43 -1.61 -21.85
C ASN D 245 9.26 -2.25 -20.45
N ALA D 246 8.21 -1.86 -19.74
CA ALA D 246 7.92 -2.44 -18.42
C ALA D 246 7.48 -3.90 -18.61
N VAL D 247 6.64 -4.11 -19.60
CA VAL D 247 6.15 -5.44 -19.89
C VAL D 247 7.30 -6.34 -20.29
N LEU D 248 8.17 -5.86 -21.15
CA LEU D 248 9.36 -6.62 -21.54
C LEU D 248 10.24 -7.00 -20.34
N PHE D 249 10.47 -6.08 -19.43
CA PHE D 249 11.26 -6.36 -18.23
C PHE D 249 10.64 -7.53 -17.45
N LEU D 250 9.35 -7.43 -17.21
CA LEU D 250 8.59 -8.45 -16.49
C LEU D 250 8.39 -9.79 -17.23
N ALA D 251 8.61 -9.79 -18.54
CA ALA D 251 8.53 -11.01 -19.38
C ALA D 251 9.89 -11.71 -19.55
N SER D 252 10.97 -11.11 -19.04
CA SER D 252 12.34 -11.56 -19.29
C SER D 252 13.04 -12.11 -18.05
N ASP D 253 14.22 -12.71 -18.27
CA ASP D 253 15.04 -13.27 -17.20
C ASP D 253 15.48 -12.22 -16.18
N ALA D 254 15.57 -10.96 -16.60
CA ALA D 254 15.95 -9.86 -15.75
C ALA D 254 15.03 -9.63 -14.55
N SER D 255 13.81 -10.19 -14.60
CA SER D 255 12.86 -10.09 -13.49
C SER D 255 12.45 -11.48 -12.93
N LYS D 256 13.30 -12.49 -13.07
CA LYS D 256 12.93 -13.86 -12.65
C LYS D 256 12.67 -14.07 -11.14
N TYR D 257 13.09 -13.14 -10.30
CA TYR D 257 12.79 -13.22 -8.86
C TYR D 257 11.67 -12.28 -8.42
N ILE D 258 10.96 -11.70 -9.38
CA ILE D 258 9.83 -10.80 -9.14
C ILE D 258 8.52 -11.51 -9.47
N THR D 259 7.65 -11.59 -8.48
CA THR D 259 6.33 -12.15 -8.68
C THR D 259 5.35 -11.57 -7.67
N GLY D 260 4.12 -11.47 -8.13
CA GLY D 260 3.02 -10.92 -7.37
C GLY D 260 3.05 -9.41 -7.23
N GLN D 261 3.81 -8.71 -8.07
CA GLN D 261 4.03 -7.28 -7.93
C GLN D 261 3.26 -6.46 -8.97
N THR D 262 2.92 -5.23 -8.62
CA THR D 262 2.39 -4.28 -9.58
C THR D 262 3.42 -3.16 -9.78
N LEU D 263 3.77 -2.89 -11.02
CA LEU D 263 4.74 -1.85 -11.35
C LEU D 263 4.02 -0.67 -11.98
N SER D 264 4.02 0.45 -11.28
CA SER D 264 3.37 1.68 -11.75
C SER D 264 4.31 2.43 -12.68
N VAL D 265 3.81 2.75 -13.87
CA VAL D 265 4.58 3.43 -14.91
C VAL D 265 3.75 4.67 -15.18
N ASP D 266 3.97 5.69 -14.35
CA ASP D 266 3.01 6.80 -14.25
C ASP D 266 3.63 8.18 -13.99
N GLY D 267 4.93 8.31 -14.22
CA GLY D 267 5.58 9.60 -14.07
C GLY D 267 5.57 10.15 -12.66
N GLY D 268 5.32 9.30 -11.67
CA GLY D 268 5.25 9.69 -10.27
C GLY D 268 3.85 10.05 -9.76
N MET D 269 2.84 9.81 -10.57
CA MET D 269 1.47 10.20 -10.22
C MET D 269 1.02 9.57 -8.90
N VAL D 270 1.34 8.30 -8.69
CA VAL D 270 1.00 7.61 -7.45
C VAL D 270 2.26 7.04 -6.81
N MET D 271 2.62 7.55 -5.63
CA MET D 271 3.76 7.05 -4.86
C MET D 271 3.25 6.47 -3.54
#